data_3TM2
#
_entry.id   3TM2
#
_cell.length_a   141.543
_cell.length_b   67.324
_cell.length_c   73.792
_cell.angle_alpha   90.00
_cell.angle_beta   90.00
_cell.angle_gamma   90.00
#
_symmetry.space_group_name_H-M   'P 21 21 2'
#
loop_
_entity.id
_entity.type
_entity.pdbx_description
1 polymer 'cysteine transferase'
2 non-polymer (2R)-N-(4-chloro-3-oxobutyl)-2,4-dihydroxy-3,3-dimethylbutanamide
3 water water
#
_entity_poly.entity_id   1
_entity_poly.type   'polypeptide(L)'
_entity_poly.pdbx_seq_one_letter_code
;MGSSHHHHHHSSGLVPRGSHMDPEAGSRARGLKGVHRVSANSGGIGGVPGPHNGLTDVPGVRVGHAGRTGDGWLTGVTVV
LAPPGGAVAAVDVRGGGPGTRETDALDPRNLVQTIDAVVLTGGSAFGLDAAGGVAAWLEEQGRGFPVGADPSQVVPVVPA
AALFDLGRGGTWRARPDAALGRAAVEAAAARPEGDPVEQGGVGAGTGAVVGGLKGGIGTASVVLDSGATVAALAAVNAAG
SAVDPATGVLYGARTGLPGEFAGYGVPDAIGADTHARARARLAEAAEETARRRAGGAATLNTTLAVVATDATLTRAQAQK
LAGTAHDGLARAVRPVHLLSDGDTVFALSTGRRPLLPDRPDATAARAFGVHLEAGALNEVLAAGADVLTRAVVHAVLAAT
GVDTPGGVHPSYRELYARP
;
_entity_poly.pdbx_strand_id   A,B
#
# COMPACT_ATOMS: atom_id res chain seq x y z
N GLY A 44 -11.70 25.96 3.07
CA GLY A 44 -11.06 26.64 1.91
C GLY A 44 -11.52 26.14 0.55
N ILE A 45 -10.56 25.81 -0.32
CA ILE A 45 -10.90 25.39 -1.68
C ILE A 45 -10.52 23.95 -1.98
N GLY A 46 -9.96 23.26 -0.98
CA GLY A 46 -9.46 21.91 -1.17
C GLY A 46 -10.52 20.85 -1.05
N GLY A 47 -10.16 19.63 -1.46
CA GLY A 47 -11.03 18.48 -1.28
C GLY A 47 -12.14 18.34 -2.32
N VAL A 48 -11.93 18.90 -3.53
CA VAL A 48 -12.91 18.82 -4.61
C VAL A 48 -12.06 18.62 -5.84
N PRO A 49 -12.67 18.15 -6.95
CA PRO A 49 -11.87 17.96 -8.13
C PRO A 49 -11.52 19.28 -8.82
N GLY A 50 -10.53 19.24 -9.71
CA GLY A 50 -10.27 20.36 -10.62
C GLY A 50 -11.31 20.38 -11.73
N PRO A 51 -11.11 21.26 -12.72
CA PRO A 51 -12.18 21.43 -13.70
C PRO A 51 -12.71 20.15 -14.38
N HIS A 52 -11.84 19.25 -14.81
CA HIS A 52 -12.36 18.08 -15.51
C HIS A 52 -12.16 16.80 -14.74
N ASN A 53 -11.68 16.91 -13.49
CA ASN A 53 -11.47 15.71 -12.69
C ASN A 53 -10.50 14.70 -13.36
N GLY A 54 -9.32 15.18 -13.73
CA GLY A 54 -8.34 14.38 -14.47
C GLY A 54 -6.94 14.96 -14.48
N LEU A 55 -6.03 14.20 -15.05
CA LEU A 55 -4.62 14.49 -14.93
C LEU A 55 -4.34 15.88 -15.46
N THR A 56 -5.08 16.30 -16.49
CA THR A 56 -4.80 17.55 -17.20
C THR A 56 -5.29 18.76 -16.41
N ASP A 57 -5.99 18.52 -15.29
CA ASP A 57 -6.19 19.60 -14.34
C ASP A 57 -4.88 20.17 -13.82
N VAL A 58 -3.81 19.36 -13.90
CA VAL A 58 -2.46 19.80 -13.55
C VAL A 58 -1.94 20.62 -14.76
N PRO A 59 -1.83 21.94 -14.61
CA PRO A 59 -1.64 22.75 -15.84
C PRO A 59 -0.38 22.41 -16.63
N GLY A 60 -0.52 22.41 -17.95
CA GLY A 60 0.60 22.12 -18.85
C GLY A 60 0.81 20.65 -19.15
N VAL A 61 0.13 19.79 -18.40
CA VAL A 61 0.19 18.36 -18.64
C VAL A 61 -0.73 17.96 -19.78
N ARG A 62 -0.21 17.10 -20.66
CA ARG A 62 -0.97 16.59 -21.78
C ARG A 62 -0.96 15.07 -21.77
N VAL A 63 -2.03 14.46 -22.29
CA VAL A 63 -2.17 13.00 -22.36
C VAL A 63 -2.50 12.60 -23.79
N GLY A 64 -1.84 11.57 -24.33
CA GLY A 64 -2.11 11.11 -25.71
C GLY A 64 -2.31 9.60 -25.70
N HIS A 65 -3.27 9.10 -26.47
CA HIS A 65 -3.52 7.67 -26.57
C HIS A 65 -3.35 7.28 -28.03
N ALA A 66 -2.72 6.15 -28.33
CA ALA A 66 -2.90 5.55 -29.66
C ALA A 66 -3.16 4.08 -29.45
N GLY A 67 -4.06 3.52 -30.23
CA GLY A 67 -4.43 2.12 -30.06
C GLY A 67 -4.77 1.39 -31.35
N ARG A 68 -4.87 0.07 -31.28
CA ARG A 68 -5.24 -0.71 -32.47
C ARG A 68 -6.25 -1.74 -32.02
N THR A 69 -7.37 -1.76 -32.75
CA THR A 69 -8.51 -2.57 -32.40
C THR A 69 -9.03 -3.24 -33.68
N GLY A 70 -9.16 -4.56 -33.62
CA GLY A 70 -9.76 -5.33 -34.69
C GLY A 70 -8.68 -6.00 -35.51
N ASP A 71 -9.09 -6.94 -36.34
CA ASP A 71 -8.15 -7.70 -37.16
C ASP A 71 -7.04 -8.35 -36.34
N GLY A 72 -7.37 -8.80 -35.13
CA GLY A 72 -6.41 -9.50 -34.27
C GLY A 72 -5.83 -8.66 -33.15
N TRP A 73 -6.11 -7.36 -33.19
CA TRP A 73 -5.42 -6.42 -32.30
C TRP A 73 -6.37 -5.96 -31.18
N LEU A 74 -5.85 -5.81 -29.97
CA LEU A 74 -6.57 -5.07 -28.93
C LEU A 74 -5.55 -4.50 -27.96
N THR A 75 -4.83 -3.46 -28.36
CA THR A 75 -3.73 -2.98 -27.48
C THR A 75 -3.45 -1.53 -27.81
N GLY A 76 -2.59 -0.87 -27.03
CA GLY A 76 -2.29 0.52 -27.29
C GLY A 76 -1.30 1.10 -26.30
N VAL A 77 -1.08 2.40 -26.45
CA VAL A 77 -0.07 3.17 -25.72
C VAL A 77 -0.68 4.48 -25.26
N THR A 78 -0.34 4.85 -24.04
CA THR A 78 -0.71 6.13 -23.47
C THR A 78 0.58 6.83 -23.07
N VAL A 79 0.71 8.09 -23.48
CA VAL A 79 1.87 8.91 -23.12
C VAL A 79 1.41 10.14 -22.32
N VAL A 80 2.07 10.41 -21.18
CA VAL A 80 1.89 11.64 -20.43
C VAL A 80 3.07 12.52 -20.81
N LEU A 81 2.75 13.71 -21.31
CA LEU A 81 3.72 14.60 -21.88
C LEU A 81 3.73 15.85 -21.00
N ALA A 82 4.87 16.11 -20.40
CA ALA A 82 5.01 17.25 -19.55
C ALA A 82 5.13 18.52 -20.42
N PRO A 83 4.86 19.69 -19.81
CA PRO A 83 5.05 20.94 -20.56
C PRO A 83 6.51 21.19 -20.96
N PRO A 84 6.73 22.03 -21.98
CA PRO A 84 8.07 22.41 -22.39
C PRO A 84 8.93 22.77 -21.18
N GLY A 85 10.18 22.32 -21.17
CA GLY A 85 11.04 22.45 -19.99
C GLY A 85 11.04 21.21 -19.08
N GLY A 86 10.03 20.35 -19.19
CA GLY A 86 10.07 19.04 -18.56
C GLY A 86 9.44 19.06 -17.18
N ALA A 87 9.40 17.92 -16.50
CA ALA A 87 8.87 17.86 -15.16
C ALA A 87 9.86 17.07 -14.33
N VAL A 88 10.00 17.44 -13.06
CA VAL A 88 10.72 16.58 -12.10
C VAL A 88 9.93 15.27 -12.00
N ALA A 89 10.63 14.16 -12.14
CA ALA A 89 9.99 12.85 -12.21
C ALA A 89 10.63 11.85 -11.23
N ALA A 90 9.84 10.87 -10.80
CA ALA A 90 10.36 9.73 -10.04
C ALA A 90 9.45 8.54 -10.32
N VAL A 91 9.80 7.41 -9.76
CA VAL A 91 9.11 6.17 -10.06
C VAL A 91 9.14 5.29 -8.82
N ASP A 92 8.11 4.47 -8.66
CA ASP A 92 8.14 3.37 -7.68
C ASP A 92 7.53 2.12 -8.29
N VAL A 93 8.38 1.13 -8.52
CA VAL A 93 7.92 -0.11 -9.16
C VAL A 93 7.67 -1.10 -8.01
N ARG A 94 6.41 -1.39 -7.71
CA ARG A 94 6.04 -2.15 -6.52
C ARG A 94 5.53 -3.54 -6.86
N GLY A 95 5.00 -3.72 -8.06
CA GLY A 95 4.58 -5.03 -8.48
C GLY A 95 5.77 -5.98 -8.54
N GLY A 96 5.47 -7.26 -8.43
CA GLY A 96 6.50 -8.28 -8.46
C GLY A 96 6.83 -8.73 -9.88
N GLY A 97 6.05 -8.31 -10.88
CA GLY A 97 6.40 -8.76 -12.25
C GLY A 97 6.46 -7.65 -13.25
N PRO A 98 7.40 -6.70 -13.06
CA PRO A 98 7.35 -5.48 -13.86
C PRO A 98 7.94 -5.69 -15.25
N GLY A 99 7.58 -4.82 -16.18
CA GLY A 99 8.27 -4.67 -17.48
C GLY A 99 8.50 -3.19 -17.63
N THR A 100 9.77 -2.76 -17.58
CA THR A 100 10.04 -1.35 -17.48
C THR A 100 11.26 -0.89 -18.25
N ARG A 101 11.37 0.43 -18.41
CA ARG A 101 12.51 0.95 -19.16
C ARG A 101 12.91 2.21 -18.46
N GLU A 102 14.22 2.40 -18.30
CA GLU A 102 14.78 3.72 -17.88
C GLU A 102 14.34 4.20 -16.49
N THR A 103 14.12 3.24 -15.62
CA THR A 103 13.76 3.56 -14.25
C THR A 103 14.98 3.98 -13.43
N ASP A 104 16.14 3.39 -13.69
CA ASP A 104 17.34 3.81 -12.92
C ASP A 104 17.68 5.27 -13.11
N ALA A 105 17.49 5.79 -14.33
CA ALA A 105 17.74 7.20 -14.56
C ALA A 105 16.88 8.10 -13.67
N LEU A 106 15.78 7.57 -13.13
CA LEU A 106 14.92 8.42 -12.25
C LEU A 106 15.27 8.35 -10.77
N ASP A 107 16.37 7.69 -10.43
CA ASP A 107 16.81 7.65 -9.03
C ASP A 107 17.15 9.09 -8.53
N PRO A 108 16.79 9.43 -7.30
CA PRO A 108 17.12 10.79 -6.78
C PRO A 108 18.59 11.21 -6.85
N ARG A 109 19.48 10.23 -6.87
CA ARG A 109 20.93 10.49 -6.82
C ARG A 109 21.51 10.87 -8.15
N ASN A 110 20.73 10.66 -9.21
CA ASN A 110 21.29 10.58 -10.54
C ASN A 110 21.21 11.91 -11.33
N LEU A 111 21.71 11.86 -12.57
CA LEU A 111 22.01 13.07 -13.33
C LEU A 111 20.78 13.87 -13.85
N VAL A 112 19.84 13.16 -14.45
CA VAL A 112 18.79 13.81 -15.23
C VAL A 112 17.57 13.85 -14.29
N GLN A 113 17.29 15.03 -13.76
CA GLN A 113 16.24 15.17 -12.74
C GLN A 113 14.83 15.43 -13.33
N THR A 114 14.79 16.08 -14.49
CA THR A 114 13.52 16.37 -15.20
C THR A 114 13.42 15.62 -16.53
N ILE A 115 12.20 15.22 -16.90
CA ILE A 115 11.94 14.51 -18.18
C ILE A 115 10.72 15.12 -18.87
N ASP A 116 10.45 14.69 -20.11
CA ASP A 116 9.32 15.21 -20.85
C ASP A 116 8.19 14.21 -20.98
N ALA A 117 8.48 12.92 -21.05
CA ALA A 117 7.39 11.95 -21.32
C ALA A 117 7.53 10.68 -20.54
N VAL A 118 6.38 10.10 -20.18
CA VAL A 118 6.29 8.79 -19.55
C VAL A 118 5.38 7.93 -20.44
N VAL A 119 5.79 6.68 -20.68
CA VAL A 119 5.10 5.83 -21.63
C VAL A 119 4.49 4.65 -20.89
N LEU A 120 3.19 4.44 -21.06
CA LEU A 120 2.53 3.29 -20.47
C LEU A 120 2.07 2.48 -21.65
N THR A 121 2.35 1.19 -21.66
CA THR A 121 2.08 0.44 -22.88
C THR A 121 1.52 -0.94 -22.61
N GLY A 122 0.62 -1.40 -23.49
CA GLY A 122 0.30 -2.82 -23.63
C GLY A 122 1.46 -3.57 -24.29
N GLY A 123 1.28 -4.87 -24.50
CA GLY A 123 2.22 -5.68 -25.26
C GLY A 123 3.26 -6.38 -24.40
N SER A 124 3.09 -6.35 -23.08
CA SER A 124 4.08 -6.92 -22.14
C SER A 124 5.45 -6.34 -22.45
N ALA A 125 6.51 -7.11 -22.23
CA ALA A 125 7.87 -6.57 -22.41
C ALA A 125 8.11 -6.19 -23.88
N PHE A 126 7.43 -6.84 -24.81
CA PHE A 126 7.64 -6.52 -26.23
C PHE A 126 7.24 -5.07 -26.46
N GLY A 127 6.20 -4.64 -25.77
CA GLY A 127 5.59 -3.30 -25.97
C GLY A 127 6.46 -2.13 -25.51
N LEU A 128 7.50 -2.43 -24.72
CA LEU A 128 8.51 -1.44 -24.39
C LEU A 128 9.14 -0.81 -25.65
N ASP A 129 9.12 -1.56 -26.76
CA ASP A 129 9.54 -1.01 -28.07
C ASP A 129 8.85 0.32 -28.38
N ALA A 130 7.64 0.50 -27.87
CA ALA A 130 6.90 1.74 -28.12
C ALA A 130 7.72 2.96 -27.66
N ALA A 131 8.44 2.85 -26.55
CA ALA A 131 9.21 4.00 -26.04
C ALA A 131 10.25 4.54 -27.01
N GLY A 132 10.79 3.68 -27.87
CA GLY A 132 11.77 4.17 -28.86
C GLY A 132 11.18 5.17 -29.83
N GLY A 133 9.90 5.00 -30.17
CA GLY A 133 9.24 5.95 -31.06
C GLY A 133 9.00 7.28 -30.37
N VAL A 134 8.75 7.24 -29.06
CA VAL A 134 8.55 8.47 -28.27
C VAL A 134 9.90 9.22 -28.12
N ALA A 135 10.99 8.51 -27.83
CA ALA A 135 12.33 9.10 -27.80
C ALA A 135 12.69 9.72 -29.15
N ALA A 136 12.40 9.01 -30.25
CA ALA A 136 12.67 9.58 -31.55
C ALA A 136 11.88 10.88 -31.79
N TRP A 137 10.62 10.92 -31.41
CA TRP A 137 9.84 12.14 -31.62
C TRP A 137 10.39 13.28 -30.76
N LEU A 138 10.70 13.02 -29.48
CA LEU A 138 11.27 14.06 -28.63
C LEU A 138 12.57 14.60 -29.16
N GLU A 139 13.42 13.74 -29.72
CA GLU A 139 14.68 14.23 -30.28
C GLU A 139 14.38 15.18 -31.46
N GLU A 140 13.45 14.76 -32.30
CA GLU A 140 13.03 15.61 -33.42
C GLU A 140 12.57 16.99 -32.96
N GLN A 141 11.95 17.05 -31.77
CA GLN A 141 11.46 18.29 -31.16
C GLN A 141 12.53 19.09 -30.44
N GLY A 142 13.75 18.54 -30.30
CA GLY A 142 14.78 19.24 -29.53
C GLY A 142 14.54 19.15 -28.02
N ARG A 143 13.81 18.13 -27.58
CA ARG A 143 13.47 17.96 -26.17
C ARG A 143 14.12 16.75 -25.49
N GLY A 144 14.98 17.02 -24.52
CA GLY A 144 15.74 15.98 -23.83
C GLY A 144 16.92 16.56 -23.07
N PHE A 145 17.67 15.68 -22.42
CA PHE A 145 18.86 16.11 -21.73
C PHE A 145 19.93 16.54 -22.73
N PRO A 146 20.41 17.78 -22.57
CA PRO A 146 21.39 18.38 -23.48
C PRO A 146 22.70 17.65 -23.33
N VAL A 147 23.30 17.22 -24.44
CA VAL A 147 24.56 16.47 -24.38
C VAL A 147 25.63 17.19 -25.21
N GLY A 148 25.33 18.42 -25.60
CA GLY A 148 26.30 19.17 -26.41
C GLY A 148 25.94 20.65 -26.46
N ALA A 149 26.87 21.46 -26.96
CA ALA A 149 26.65 22.90 -27.10
C ALA A 149 25.55 23.13 -28.11
N ASP A 150 25.47 22.26 -29.10
CA ASP A 150 24.39 22.32 -30.07
C ASP A 150 23.07 21.96 -29.39
N PRO A 151 22.08 22.87 -29.43
CA PRO A 151 20.76 22.61 -28.87
C PRO A 151 20.02 21.42 -29.49
N SER A 152 20.44 20.95 -30.67
CA SER A 152 19.71 19.84 -31.29
C SER A 152 20.21 18.50 -30.71
N GLN A 153 21.32 18.55 -29.98
CA GLN A 153 21.97 17.38 -29.41
C GLN A 153 21.40 17.09 -28.02
N VAL A 154 20.36 16.25 -28.00
CA VAL A 154 19.66 15.90 -26.75
C VAL A 154 19.48 14.41 -26.65
N VAL A 155 19.46 13.88 -25.43
CA VAL A 155 19.09 12.51 -25.22
C VAL A 155 17.85 12.50 -24.30
N PRO A 156 16.72 12.06 -24.86
CA PRO A 156 15.45 12.05 -24.11
C PRO A 156 15.50 10.91 -23.13
N VAL A 157 15.22 11.18 -21.86
CA VAL A 157 15.07 10.07 -20.91
C VAL A 157 13.57 9.75 -20.85
N VAL A 158 13.20 8.58 -21.39
CA VAL A 158 11.81 8.17 -21.56
C VAL A 158 11.53 6.89 -20.81
N PRO A 159 11.12 7.03 -19.56
CA PRO A 159 10.79 5.87 -18.81
C PRO A 159 9.45 5.32 -19.29
N ALA A 160 9.35 3.99 -19.19
CA ALA A 160 8.13 3.31 -19.62
C ALA A 160 7.82 2.12 -18.73
N ALA A 161 6.56 1.74 -18.67
CA ALA A 161 6.19 0.47 -18.03
C ALA A 161 5.15 -0.23 -18.86
N ALA A 162 5.07 -1.56 -18.77
CA ALA A 162 4.17 -2.33 -19.63
C ALA A 162 3.18 -3.16 -18.85
N LEU A 163 2.09 -3.52 -19.53
CA LEU A 163 1.05 -4.34 -18.93
C LEU A 163 0.84 -5.49 -19.92
N PHE A 164 0.49 -6.64 -19.38
CA PHE A 164 0.33 -7.85 -20.14
C PHE A 164 -1.06 -7.96 -20.75
N ASP A 165 -1.16 -7.83 -22.06
CA ASP A 165 -2.47 -8.01 -22.74
C ASP A 165 -2.37 -8.90 -23.97
N LEU A 166 -1.39 -9.82 -23.98
CA LEU A 166 -1.08 -10.58 -25.19
C LEU A 166 -2.22 -11.46 -25.68
N GLY A 167 -2.48 -11.36 -26.99
CA GLY A 167 -3.41 -12.20 -27.69
C GLY A 167 -4.87 -11.83 -27.42
N ARG A 168 -5.12 -10.73 -26.72
CA ARG A 168 -6.49 -10.42 -26.33
C ARG A 168 -7.37 -9.96 -27.49
N GLY A 169 -6.73 -9.64 -28.60
CA GLY A 169 -7.44 -9.28 -29.82
C GLY A 169 -7.55 -10.48 -30.73
N GLY A 170 -6.83 -11.55 -30.41
CA GLY A 170 -6.87 -12.74 -31.26
C GLY A 170 -5.49 -13.12 -31.79
N THR A 171 -4.64 -12.12 -32.00
CA THR A 171 -3.30 -12.38 -32.58
C THR A 171 -2.20 -12.22 -31.54
N TRP A 172 -1.49 -13.30 -31.23
CA TRP A 172 -0.50 -13.25 -30.16
C TRP A 172 0.57 -12.16 -30.35
N ARG A 173 1.04 -11.99 -31.59
CA ARG A 173 2.16 -11.07 -31.85
C ARG A 173 1.78 -9.63 -32.18
N ALA A 174 0.51 -9.29 -32.05
CA ALA A 174 0.04 -7.92 -32.25
C ALA A 174 0.31 -7.09 -31.02
N ARG A 175 1.48 -6.43 -31.01
CA ARG A 175 1.96 -5.68 -29.87
C ARG A 175 2.37 -4.28 -30.29
N PRO A 176 2.28 -3.33 -29.37
CA PRO A 176 2.71 -1.97 -29.70
C PRO A 176 4.17 -1.97 -30.12
N ASP A 177 4.48 -1.09 -31.06
CA ASP A 177 5.84 -0.89 -31.57
C ASP A 177 6.13 0.57 -31.52
N ALA A 178 7.29 0.96 -32.04
CA ALA A 178 7.76 2.36 -32.00
C ALA A 178 6.79 3.33 -32.72
N ALA A 179 6.28 2.94 -33.88
CA ALA A 179 5.30 3.82 -34.56
C ALA A 179 4.09 4.09 -33.67
N LEU A 180 3.60 3.07 -32.98
CA LEU A 180 2.43 3.29 -32.11
C LEU A 180 2.80 4.23 -30.94
N GLY A 181 3.98 4.07 -30.34
CA GLY A 181 4.38 5.02 -29.30
C GLY A 181 4.50 6.46 -29.86
N ARG A 182 5.11 6.61 -31.02
CA ARG A 182 5.16 7.92 -31.68
C ARG A 182 3.75 8.53 -31.90
N ALA A 183 2.83 7.72 -32.37
CA ALA A 183 1.44 8.19 -32.56
C ALA A 183 0.86 8.69 -31.22
N ALA A 184 1.16 7.99 -30.14
CA ALA A 184 0.62 8.40 -28.84
C ALA A 184 1.16 9.77 -28.41
N VAL A 185 2.47 9.98 -28.54
CA VAL A 185 3.04 11.26 -28.13
C VAL A 185 2.66 12.40 -29.09
N GLU A 186 2.53 12.10 -30.38
CA GLU A 186 2.01 13.11 -31.32
C GLU A 186 0.55 13.46 -30.94
N ALA A 187 -0.22 12.46 -30.54
CA ALA A 187 -1.59 12.74 -30.12
C ALA A 187 -1.59 13.66 -28.86
N ALA A 188 -0.71 13.39 -27.90
CA ALA A 188 -0.58 14.22 -26.69
C ALA A 188 -0.24 15.69 -27.04
N ALA A 189 0.77 15.85 -27.88
CA ALA A 189 1.27 17.19 -28.28
C ALA A 189 0.22 18.06 -28.98
N ALA A 190 -0.74 17.44 -29.66
CA ALA A 190 -1.73 18.21 -30.39
C ALA A 190 -2.90 18.67 -29.48
N ARG A 191 -2.94 18.19 -28.23
CA ARG A 191 -4.04 18.56 -27.33
C ARG A 191 -3.82 19.96 -26.74
N PRO A 192 -4.92 20.73 -26.56
CA PRO A 192 -4.73 22.01 -25.86
C PRO A 192 -4.36 21.74 -24.40
N GLU A 193 -3.95 22.77 -23.67
CA GLU A 193 -3.80 22.61 -22.24
C GLU A 193 -5.18 22.43 -21.58
N GLY A 194 -5.23 21.66 -20.48
CA GLY A 194 -6.46 21.46 -19.71
C GLY A 194 -7.52 20.63 -20.42
N ASP A 195 -7.11 19.81 -21.38
CA ASP A 195 -8.05 19.07 -22.21
C ASP A 195 -8.62 17.87 -21.42
N PRO A 196 -9.95 17.67 -21.43
CA PRO A 196 -10.44 16.47 -20.74
C PRO A 196 -9.72 15.22 -21.24
N VAL A 197 -9.39 14.33 -20.31
CA VAL A 197 -8.71 13.09 -20.61
C VAL A 197 -9.71 12.03 -21.10
N GLU A 198 -9.38 11.35 -22.19
CA GLU A 198 -10.26 10.31 -22.69
C GLU A 198 -10.06 9.07 -21.83
N GLN A 199 -11.15 8.44 -21.38
CA GLN A 199 -11.09 7.31 -20.46
C GLN A 199 -11.59 6.06 -21.17
N GLY A 200 -11.48 4.89 -20.53
CA GLY A 200 -12.04 3.66 -21.12
C GLY A 200 -11.01 2.79 -21.84
N GLY A 201 -11.45 2.07 -22.87
CA GLY A 201 -10.63 1.12 -23.59
C GLY A 201 -9.82 1.89 -24.63
N VAL A 202 -8.92 2.77 -24.16
CA VAL A 202 -8.14 3.59 -25.09
C VAL A 202 -6.67 3.51 -24.68
N GLY A 203 -5.75 3.68 -25.64
CA GLY A 203 -4.34 3.75 -25.29
C GLY A 203 -3.88 2.46 -24.65
N ALA A 204 -3.09 2.56 -23.58
CA ALA A 204 -2.63 1.39 -22.87
C ALA A 204 -3.78 0.62 -22.27
N GLY A 205 -4.94 1.26 -22.11
CA GLY A 205 -6.10 0.58 -21.50
C GLY A 205 -6.89 -0.22 -22.53
N THR A 206 -6.54 -0.05 -23.80
CA THR A 206 -7.30 -0.73 -24.88
C THR A 206 -7.46 -2.21 -24.59
N GLY A 207 -6.38 -2.88 -24.21
CA GLY A 207 -6.49 -4.34 -24.00
C GLY A 207 -6.52 -4.75 -22.52
N ALA A 208 -6.71 -3.78 -21.63
CA ALA A 208 -6.58 -3.96 -20.17
C ALA A 208 -7.79 -4.69 -19.63
N VAL A 209 -7.54 -5.59 -18.67
CA VAL A 209 -8.57 -6.44 -18.02
C VAL A 209 -8.27 -6.40 -16.52
N VAL A 210 -9.31 -6.24 -15.69
CA VAL A 210 -9.14 -6.16 -14.24
C VAL A 210 -10.03 -7.22 -13.58
N GLY A 211 -9.39 -8.25 -13.05
CA GLY A 211 -10.12 -9.35 -12.42
C GLY A 211 -11.15 -9.99 -13.35
N GLY A 212 -10.83 -10.11 -14.64
CA GLY A 212 -11.79 -10.71 -15.59
C GLY A 212 -12.69 -9.68 -16.29
N LEU A 213 -12.99 -8.59 -15.61
CA LEU A 213 -13.79 -7.47 -16.17
C LEU A 213 -12.92 -6.64 -17.09
N LYS A 214 -13.54 -5.94 -18.04
CA LYS A 214 -12.78 -5.07 -18.94
C LYS A 214 -12.18 -3.95 -18.10
N GLY A 215 -10.88 -3.71 -18.25
CA GLY A 215 -10.23 -2.60 -17.53
C GLY A 215 -10.11 -1.40 -18.49
N GLY A 216 -9.19 -0.49 -18.22
CA GLY A 216 -9.08 0.64 -19.13
C GLY A 216 -8.37 1.79 -18.44
N ILE A 217 -8.50 2.95 -19.06
CA ILE A 217 -7.84 4.13 -18.56
C ILE A 217 -8.82 4.82 -17.66
N GLY A 218 -8.35 5.35 -16.54
CA GLY A 218 -9.22 6.14 -15.68
C GLY A 218 -8.40 7.28 -15.15
N THR A 219 -9.07 8.35 -14.72
CA THR A 219 -8.34 9.49 -14.20
C THR A 219 -9.15 10.21 -13.12
N ALA A 220 -8.46 10.95 -12.25
CA ALA A 220 -9.11 11.74 -11.17
C ALA A 220 -8.17 12.87 -10.72
N SER A 221 -8.71 13.97 -10.20
CA SER A 221 -7.87 15.01 -9.57
C SER A 221 -8.48 15.48 -8.25
N VAL A 222 -7.66 16.15 -7.44
CA VAL A 222 -8.13 16.87 -6.28
C VAL A 222 -7.31 18.17 -6.09
N VAL A 223 -7.97 19.21 -5.60
CA VAL A 223 -7.32 20.46 -5.28
C VAL A 223 -7.04 20.41 -3.79
N LEU A 224 -5.83 20.82 -3.40
CA LEU A 224 -5.50 21.03 -1.98
C LEU A 224 -5.92 22.42 -1.51
N ASP A 225 -6.02 22.58 -0.20
CA ASP A 225 -6.26 23.89 0.39
C ASP A 225 -5.29 24.95 -0.13
N SER A 226 -4.04 24.55 -0.40
CA SER A 226 -3.04 25.46 -0.95
C SER A 226 -3.39 26.00 -2.34
N GLY A 227 -4.30 25.32 -3.06
CA GLY A 227 -4.55 25.64 -4.47
C GLY A 227 -3.75 24.75 -5.44
N ALA A 228 -2.77 24.03 -4.91
CA ALA A 228 -2.10 22.98 -5.71
C ALA A 228 -3.09 21.92 -6.11
N THR A 229 -2.91 21.41 -7.33
CA THR A 229 -3.70 20.29 -7.79
C THR A 229 -2.86 19.03 -7.78
N VAL A 230 -3.47 17.93 -7.32
CA VAL A 230 -2.84 16.61 -7.41
C VAL A 230 -3.76 15.68 -8.21
N ALA A 231 -3.20 14.90 -9.15
CA ALA A 231 -4.04 14.09 -10.02
C ALA A 231 -3.38 12.78 -10.42
N ALA A 232 -4.21 11.82 -10.85
CA ALA A 232 -3.72 10.51 -11.26
C ALA A 232 -4.34 10.13 -12.59
N LEU A 233 -3.56 9.41 -13.40
CA LEU A 233 -4.07 8.70 -14.57
C LEU A 233 -3.66 7.25 -14.39
N ALA A 234 -4.59 6.31 -14.59
CA ALA A 234 -4.24 4.91 -14.39
C ALA A 234 -4.70 4.06 -15.56
N ALA A 235 -3.86 3.09 -15.94
CA ALA A 235 -4.28 2.06 -16.88
C ALA A 235 -4.41 0.77 -16.06
N VAL A 236 -5.64 0.32 -15.85
CA VAL A 236 -5.92 -0.75 -14.90
C VAL A 236 -6.06 -2.13 -15.55
N ASN A 237 -5.11 -2.99 -15.22
CA ASN A 237 -4.99 -4.32 -15.78
C ASN A 237 -4.79 -5.40 -14.69
N ALA A 238 -5.33 -5.20 -13.50
CA ALA A 238 -5.01 -6.09 -12.36
C ALA A 238 -5.42 -7.57 -12.51
N ALA A 239 -4.57 -8.47 -12.05
CA ALA A 239 -4.93 -9.89 -11.85
C ALA A 239 -5.94 -10.01 -10.71
N GLY A 240 -5.78 -9.20 -9.67
CA GLY A 240 -6.78 -9.18 -8.61
C GLY A 240 -8.07 -8.44 -9.00
N SER A 241 -8.91 -8.15 -8.00
CA SER A 241 -10.24 -7.63 -8.29
C SER A 241 -10.43 -6.21 -7.81
N ALA A 242 -11.09 -5.39 -8.63
CA ALA A 242 -11.54 -4.09 -8.19
C ALA A 242 -12.86 -4.18 -7.41
N VAL A 243 -13.45 -5.37 -7.38
CA VAL A 243 -14.79 -5.61 -6.79
C VAL A 243 -14.74 -6.54 -5.59
N ASP A 244 -15.42 -6.16 -4.52
CA ASP A 244 -15.53 -7.04 -3.36
C ASP A 244 -16.39 -8.25 -3.74
N PRO A 245 -15.84 -9.48 -3.67
CA PRO A 245 -16.59 -10.66 -4.15
C PRO A 245 -17.81 -11.03 -3.30
N ALA A 246 -17.93 -10.43 -2.10
CA ALA A 246 -19.12 -10.66 -1.26
C ALA A 246 -20.28 -9.69 -1.54
N THR A 247 -20.03 -8.55 -2.17
CA THR A 247 -21.10 -7.58 -2.32
C THR A 247 -21.27 -7.03 -3.74
N GLY A 248 -20.22 -7.08 -4.58
CA GLY A 248 -20.27 -6.42 -5.89
C GLY A 248 -19.90 -4.95 -5.80
N VAL A 249 -19.59 -4.50 -4.60
CA VAL A 249 -19.17 -3.13 -4.37
C VAL A 249 -17.70 -2.92 -4.85
N LEU A 250 -17.43 -1.79 -5.50
CA LEU A 250 -16.07 -1.46 -5.93
C LEU A 250 -15.24 -1.04 -4.69
N TYR A 251 -14.16 -1.75 -4.42
CA TYR A 251 -13.32 -1.41 -3.27
C TYR A 251 -13.04 0.11 -3.16
N GLY A 252 -12.76 0.74 -4.30
CA GLY A 252 -12.30 2.09 -4.35
C GLY A 252 -13.41 3.10 -4.08
N ALA A 253 -14.68 2.70 -4.15
CA ALA A 253 -15.77 3.72 -4.16
C ALA A 253 -15.84 4.53 -2.88
N ARG A 254 -15.59 3.93 -1.72
CA ARG A 254 -15.72 4.70 -0.50
C ARG A 254 -14.63 5.76 -0.35
N THR A 255 -13.62 5.71 -1.22
CA THR A 255 -12.65 6.80 -1.25
C THR A 255 -13.12 7.89 -2.25
N GLY A 256 -14.18 7.64 -3.02
CA GLY A 256 -14.62 8.61 -3.99
C GLY A 256 -15.08 9.92 -3.37
N LEU A 257 -14.98 11.02 -4.12
CA LEU A 257 -15.54 12.27 -3.64
C LEU A 257 -17.08 12.23 -3.87
N PRO A 258 -17.88 12.79 -2.93
CA PRO A 258 -19.34 12.72 -3.17
C PRO A 258 -19.76 13.12 -4.60
N GLY A 259 -20.61 12.29 -5.21
CA GLY A 259 -21.22 12.68 -6.48
C GLY A 259 -20.34 12.39 -7.69
N GLU A 260 -19.04 12.14 -7.51
CA GLU A 260 -18.16 12.10 -8.70
C GLU A 260 -18.45 10.96 -9.68
N PHE A 261 -19.06 9.90 -9.20
CA PHE A 261 -19.33 8.75 -10.04
C PHE A 261 -20.79 8.71 -10.54
N ALA A 262 -21.56 9.77 -10.29
CA ALA A 262 -23.03 9.73 -10.50
C ALA A 262 -23.37 9.56 -11.99
N GLY A 263 -22.66 10.27 -12.84
CA GLY A 263 -22.82 10.13 -14.28
C GLY A 263 -22.81 8.71 -14.84
N TYR A 264 -22.13 7.79 -14.17
CA TYR A 264 -22.02 6.42 -14.69
C TYR A 264 -23.28 5.58 -14.43
N GLY A 265 -24.20 6.08 -13.61
CA GLY A 265 -25.53 5.46 -13.49
C GLY A 265 -25.50 4.08 -12.87
N VAL A 266 -24.72 3.96 -11.80
CA VAL A 266 -24.50 2.68 -11.16
C VAL A 266 -24.98 2.79 -9.72
N PRO A 267 -25.80 1.82 -9.27
CA PRO A 267 -26.33 1.90 -7.91
C PRO A 267 -25.20 1.78 -6.91
N ASP A 268 -25.39 2.40 -5.77
CA ASP A 268 -24.34 2.37 -4.79
C ASP A 268 -24.61 1.25 -3.76
N ALA A 269 -25.87 0.81 -3.71
CA ALA A 269 -26.23 -0.46 -3.06
C ALA A 269 -26.71 -1.49 -4.10
N ILE A 270 -26.04 -2.64 -4.12
CA ILE A 270 -26.22 -3.67 -5.13
C ILE A 270 -27.09 -4.80 -4.55
N GLY A 271 -28.18 -5.15 -5.23
CA GLY A 271 -29.06 -6.23 -4.74
C GLY A 271 -28.39 -7.60 -4.77
N ALA A 272 -28.83 -8.50 -3.89
CA ALA A 272 -28.25 -9.83 -3.85
C ALA A 272 -28.48 -10.54 -5.19
N ASP A 273 -29.64 -10.29 -5.80
CA ASP A 273 -29.95 -10.87 -7.10
C ASP A 273 -29.05 -10.37 -8.22
N THR A 274 -28.82 -9.05 -8.30
CA THR A 274 -27.86 -8.47 -9.24
C THR A 274 -26.47 -9.09 -9.05
N HIS A 275 -26.01 -9.11 -7.81
CA HIS A 275 -24.66 -9.63 -7.52
C HIS A 275 -24.53 -11.09 -7.96
N ALA A 276 -25.55 -11.90 -7.65
CA ALA A 276 -25.55 -13.29 -8.10
C ALA A 276 -25.49 -13.40 -9.61
N ARG A 277 -26.25 -12.55 -10.31
CA ARG A 277 -26.24 -12.57 -11.77
C ARG A 277 -24.87 -12.11 -12.30
N ALA A 278 -24.35 -11.01 -11.76
CA ALA A 278 -23.05 -10.50 -12.18
C ALA A 278 -21.92 -11.53 -12.00
N ARG A 279 -21.85 -12.18 -10.82
CA ARG A 279 -20.84 -13.25 -10.57
C ARG A 279 -20.91 -14.33 -11.66
N ALA A 280 -22.12 -14.80 -11.96
CA ALA A 280 -22.30 -15.91 -12.91
C ALA A 280 -21.91 -15.49 -14.32
N ARG A 281 -22.30 -14.26 -14.70
CA ARG A 281 -21.94 -13.72 -16.01
C ARG A 281 -20.44 -13.59 -16.23
N LEU A 282 -19.73 -13.15 -15.19
CA LEU A 282 -18.30 -12.98 -15.24
C LEU A 282 -17.63 -14.36 -15.34
N ALA A 283 -18.14 -15.31 -14.56
CA ALA A 283 -17.62 -16.67 -14.59
C ALA A 283 -17.86 -17.28 -15.97
N GLU A 284 -19.01 -16.97 -16.61
CA GLU A 284 -19.27 -17.36 -17.99
C GLU A 284 -18.23 -16.81 -18.95
N ALA A 285 -18.00 -15.49 -18.88
CA ALA A 285 -17.01 -14.84 -19.73
C ALA A 285 -15.64 -15.45 -19.52
N ALA A 286 -15.34 -15.77 -18.27
CA ALA A 286 -14.01 -16.22 -17.89
C ALA A 286 -13.77 -17.62 -18.46
N GLU A 287 -14.81 -18.45 -18.48
CA GLU A 287 -14.69 -19.81 -19.01
C GLU A 287 -14.60 -19.81 -20.52
N GLU A 288 -15.42 -18.97 -21.14
CA GLU A 288 -15.33 -18.78 -22.59
C GLU A 288 -13.96 -18.20 -22.99
N THR A 289 -13.46 -17.22 -22.24
CA THR A 289 -12.13 -16.66 -22.50
C THR A 289 -11.09 -17.78 -22.45
N ALA A 290 -11.22 -18.68 -21.47
CA ALA A 290 -10.19 -19.67 -21.29
C ALA A 290 -10.22 -20.64 -22.46
N ARG A 291 -11.42 -20.95 -22.93
CA ARG A 291 -11.58 -21.85 -24.07
C ARG A 291 -11.00 -21.23 -25.32
N ARG A 292 -11.25 -19.94 -25.54
CA ARG A 292 -10.72 -19.31 -26.76
C ARG A 292 -9.19 -19.25 -26.78
N ARG A 293 -8.58 -19.16 -25.59
CA ARG A 293 -7.14 -19.02 -25.45
C ARG A 293 -6.41 -20.37 -25.31
N ALA A 294 -7.13 -21.48 -25.30
CA ALA A 294 -6.55 -22.78 -24.97
C ALA A 294 -6.04 -23.56 -26.19
N THR A 302 -1.62 -5.68 -12.96
CA THR A 302 -0.76 -4.56 -13.32
C THR A 302 -1.68 -3.37 -13.45
N THR A 303 -1.31 -2.47 -12.55
CA THR A 303 -1.86 -1.13 -12.81
C THR A 303 -0.69 -0.21 -13.04
N LEU A 304 -0.76 0.56 -14.14
CA LEU A 304 0.28 1.52 -14.46
C LEU A 304 -0.28 2.88 -14.21
N ALA A 305 0.48 3.73 -13.56
CA ALA A 305 -0.12 5.00 -13.23
C ALA A 305 0.87 6.12 -13.31
N VAL A 306 0.35 7.31 -13.59
CA VAL A 306 1.13 8.53 -13.47
C VAL A 306 0.39 9.43 -12.49
N VAL A 307 1.11 9.87 -11.47
CA VAL A 307 0.58 10.81 -10.52
C VAL A 307 1.32 12.10 -10.76
N ALA A 308 0.57 13.20 -10.90
CA ALA A 308 1.18 14.48 -11.15
C ALA A 308 0.65 15.58 -10.26
N THR A 309 1.47 16.61 -10.08
CA THR A 309 1.06 17.77 -9.32
C THR A 309 1.76 19.06 -9.81
N ASP A 310 1.19 20.23 -9.53
CA ASP A 310 1.90 21.50 -9.78
C ASP A 310 2.63 22.07 -8.55
N ALA A 311 2.47 21.41 -7.41
CA ALA A 311 3.22 21.75 -6.20
C ALA A 311 4.65 21.41 -6.52
N THR A 312 5.59 22.29 -6.17
CA THR A 312 6.98 22.07 -6.45
C THR A 312 7.52 20.94 -5.56
N LEU A 313 8.07 19.92 -6.19
CA LEU A 313 8.65 18.82 -5.41
C LEU A 313 10.06 18.55 -5.90
N THR A 314 10.93 18.15 -4.97
CA THR A 314 12.22 17.59 -5.31
C THR A 314 12.02 16.20 -5.83
N ARG A 315 13.03 15.67 -6.50
CA ARG A 315 12.90 14.34 -7.00
C ARG A 315 12.63 13.34 -5.85
N ALA A 316 13.29 13.52 -4.71
CA ALA A 316 13.14 12.57 -3.60
C ALA A 316 11.69 12.65 -3.06
N GLN A 317 11.13 13.85 -3.05
CA GLN A 317 9.73 14.08 -2.63
C GLN A 317 8.75 13.43 -3.57
N ALA A 318 9.04 13.54 -4.86
CA ALA A 318 8.23 12.91 -5.88
C ALA A 318 8.33 11.37 -5.77
N GLN A 319 9.49 10.87 -5.36
CA GLN A 319 9.71 9.43 -5.24
C GLN A 319 8.89 8.88 -4.09
N LYS A 320 8.82 9.63 -2.99
CA LYS A 320 7.91 9.29 -1.87
C LYS A 320 6.45 9.28 -2.34
N LEU A 321 6.09 10.30 -3.11
CA LEU A 321 4.72 10.40 -3.68
C LEU A 321 4.38 9.20 -4.57
N ALA A 322 5.33 8.77 -5.39
CA ALA A 322 5.09 7.56 -6.20
C ALA A 322 4.87 6.37 -5.26
N GLY A 323 5.61 6.33 -4.14
CA GLY A 323 5.35 5.29 -3.13
C GLY A 323 3.97 5.33 -2.44
N THR A 324 3.54 6.51 -1.96
CA THR A 324 2.24 6.59 -1.25
C THR A 324 1.07 6.33 -2.20
N ALA A 325 1.24 6.71 -3.45
CA ALA A 325 0.24 6.41 -4.47
C ALA A 325 -0.13 4.93 -4.50
N HIS A 326 0.86 4.02 -4.32
CA HIS A 326 0.61 2.61 -4.23
C HIS A 326 -0.35 2.19 -3.13
N ASP A 327 -0.41 2.94 -2.03
CA ASP A 327 -1.43 2.65 -1.02
C ASP A 327 -2.82 2.90 -1.56
N GLY A 328 -2.94 3.88 -2.45
CA GLY A 328 -4.26 4.21 -3.01
C GLY A 328 -4.65 3.10 -3.97
N LEU A 329 -3.65 2.50 -4.61
CA LEU A 329 -3.89 1.36 -5.49
C LEU A 329 -4.37 0.17 -4.64
N ALA A 330 -3.70 -0.07 -3.50
CA ALA A 330 -4.17 -1.09 -2.58
C ALA A 330 -5.63 -0.95 -2.12
N ARG A 331 -6.10 0.27 -1.95
CA ARG A 331 -7.49 0.54 -1.51
C ARG A 331 -8.52 0.30 -2.62
N ALA A 332 -8.06 0.25 -3.89
CA ALA A 332 -8.97 0.02 -5.03
C ALA A 332 -8.95 -1.44 -5.57
N VAL A 333 -7.88 -2.16 -5.30
CA VAL A 333 -7.63 -3.45 -5.91
C VAL A 333 -7.05 -4.42 -4.90
N ARG A 334 -7.64 -5.62 -4.84
CA ARG A 334 -7.19 -6.61 -3.90
C ARG A 334 -7.39 -7.99 -4.54
N PRO A 335 -6.35 -8.82 -4.53
CA PRO A 335 -5.02 -8.44 -4.02
C PRO A 335 -4.29 -7.55 -5.04
N VAL A 336 -3.18 -6.95 -4.64
CA VAL A 336 -2.30 -6.25 -5.60
C VAL A 336 -0.82 -6.45 -5.29
N HIS A 337 0.05 -5.92 -6.14
CA HIS A 337 1.51 -5.98 -5.94
C HIS A 337 2.05 -7.37 -5.88
N LEU A 338 1.31 -8.33 -6.42
CA LEU A 338 1.73 -9.69 -6.39
C LEU A 338 2.83 -9.95 -7.45
N LEU A 339 3.33 -11.18 -7.49
CA LEU A 339 4.37 -11.54 -8.47
C LEU A 339 3.88 -11.41 -9.90
N SER A 340 2.57 -11.50 -10.11
CA SER A 340 2.04 -11.41 -11.48
C SER A 340 1.59 -10.02 -11.86
N ASP A 341 1.80 -9.06 -10.96
CA ASP A 341 1.43 -7.70 -11.15
C ASP A 341 2.70 -6.89 -11.38
N GLY A 342 2.64 -5.98 -12.37
CA GLY A 342 3.78 -5.17 -12.76
C GLY A 342 3.57 -3.73 -12.32
N ASP A 343 2.78 -3.53 -11.24
CA ASP A 343 2.33 -2.24 -10.78
C ASP A 343 3.46 -1.22 -10.69
N THR A 344 3.27 -0.11 -11.37
CA THR A 344 4.27 0.96 -11.45
C THR A 344 3.63 2.31 -11.38
N VAL A 345 4.20 3.15 -10.53
CA VAL A 345 3.72 4.54 -10.47
C VAL A 345 4.87 5.47 -10.81
N PHE A 346 4.63 6.40 -11.75
CA PHE A 346 5.55 7.52 -12.06
C PHE A 346 4.94 8.80 -11.47
N ALA A 347 5.76 9.60 -10.78
CA ALA A 347 5.24 10.84 -10.21
C ALA A 347 5.91 12.03 -10.90
N LEU A 348 5.15 13.08 -11.24
CA LEU A 348 5.69 14.23 -11.95
C LEU A 348 5.33 15.47 -11.16
N SER A 349 6.27 16.41 -11.04
CA SER A 349 5.93 17.73 -10.51
C SER A 349 6.28 18.76 -11.58
N THR A 350 5.31 19.60 -11.96
CA THR A 350 5.61 20.68 -12.91
C THR A 350 6.32 21.87 -12.30
N GLY A 351 6.52 21.83 -10.97
CA GLY A 351 7.25 22.85 -10.25
C GLY A 351 6.70 24.25 -10.44
N ARG A 352 5.38 24.40 -10.59
CA ARG A 352 4.81 25.73 -10.80
C ARG A 352 4.35 26.47 -9.54
N ARG A 353 4.05 25.78 -8.45
CA ARG A 353 3.70 26.47 -7.21
C ARG A 353 4.52 25.96 -6.09
N PRO A 354 5.00 26.83 -5.25
CA PRO A 354 5.76 26.46 -4.08
C PRO A 354 4.95 25.51 -3.26
N LEU A 355 5.55 24.70 -2.43
CA LEU A 355 4.82 23.85 -1.54
C LEU A 355 4.03 24.71 -0.60
N LEU A 356 4.67 25.75 -0.11
CA LEU A 356 4.12 26.67 0.85
C LEU A 356 3.72 27.97 0.24
N PRO A 357 2.47 28.31 0.39
CA PRO A 357 2.00 29.67 0.15
C PRO A 357 2.50 30.52 1.33
N ASP A 358 1.78 31.56 1.68
CA ASP A 358 2.39 32.57 2.55
C ASP A 358 1.55 33.07 3.72
N ARG A 359 0.36 32.51 3.92
CA ARG A 359 -0.35 32.74 5.15
C ARG A 359 -0.46 31.44 5.91
N PRO A 360 0.49 31.20 6.79
CA PRO A 360 0.61 29.90 7.43
C PRO A 360 -0.36 29.79 8.59
N ASP A 361 -1.63 30.07 8.32
CA ASP A 361 -2.67 30.11 9.32
C ASP A 361 -2.51 29.03 10.33
N ALA A 362 -3.09 29.19 11.50
CA ALA A 362 -3.18 28.05 12.42
C ALA A 362 -3.94 26.93 11.73
N THR A 363 -4.24 27.15 10.44
CA THR A 363 -4.97 26.18 9.61
C THR A 363 -4.11 25.42 8.59
N ALA A 364 -2.95 25.98 8.23
CA ALA A 364 -1.97 25.23 7.42
C ALA A 364 -1.46 24.02 8.22
N ALA A 365 -1.54 22.83 7.63
CA ALA A 365 -1.04 21.60 8.26
C ALA A 365 0.40 21.72 8.80
N ARG A 366 0.64 21.09 9.94
CA ARG A 366 1.97 21.05 10.54
C ARG A 366 2.27 19.66 11.10
N ALA A 367 3.29 18.98 10.56
CA ALA A 367 3.72 17.71 11.16
C ALA A 367 4.21 17.96 12.58
N PHE A 368 3.78 17.11 13.53
CA PHE A 368 4.10 17.22 14.97
C PHE A 368 3.75 18.59 15.58
N GLY A 369 2.80 19.28 14.94
CA GLY A 369 2.35 20.60 15.38
C GLY A 369 3.26 21.76 15.00
N VAL A 370 4.38 21.48 14.33
CA VAL A 370 5.39 22.52 14.08
C VAL A 370 5.88 22.65 12.64
N HIS A 371 5.86 21.56 11.87
CA HIS A 371 6.56 21.61 10.60
C HIS A 371 5.66 21.87 9.39
N LEU A 372 5.85 23.06 8.82
CA LEU A 372 4.97 23.55 7.78
C LEU A 372 5.25 22.82 6.47
N GLU A 373 6.52 22.68 6.12
CA GLU A 373 6.89 22.03 4.88
C GLU A 373 6.47 20.55 4.91
N ALA A 374 6.73 19.85 6.01
CA ALA A 374 6.37 18.42 6.13
C ALA A 374 4.85 18.23 6.13
N GLY A 375 4.14 19.18 6.70
CA GLY A 375 2.68 19.17 6.71
C GLY A 375 2.09 19.35 5.31
N ALA A 376 2.64 20.31 4.56
CA ALA A 376 2.16 20.55 3.19
C ALA A 376 2.48 19.32 2.32
N LEU A 377 3.67 18.74 2.48
CA LEU A 377 4.01 17.55 1.73
CA LEU A 377 4.05 17.52 1.76
C LEU A 377 3.12 16.37 2.12
N ASN A 378 2.83 16.23 3.42
CA ASN A 378 1.90 15.16 3.83
C ASN A 378 0.57 15.20 3.08
N GLU A 379 0.07 16.41 2.86
CA GLU A 379 -1.19 16.56 2.10
C GLU A 379 -1.11 16.10 0.67
N VAL A 380 0.03 16.37 0.01
CA VAL A 380 0.26 15.94 -1.37
C VAL A 380 0.39 14.41 -1.40
N LEU A 381 1.18 13.85 -0.47
CA LEU A 381 1.36 12.40 -0.37
C LEU A 381 0.02 11.65 -0.16
N ALA A 382 -0.81 12.13 0.79
CA ALA A 382 -2.14 11.54 1.02
C ALA A 382 -3.06 11.74 -0.20
N ALA A 383 -3.02 12.92 -0.82
CA ALA A 383 -3.78 13.17 -2.03
C ALA A 383 -3.34 12.24 -3.16
N GLY A 384 -2.04 11.94 -3.23
CA GLY A 384 -1.55 11.09 -4.31
C GLY A 384 -2.16 9.69 -4.27
N ALA A 385 -2.26 9.10 -3.07
CA ALA A 385 -2.96 7.83 -2.83
C ALA A 385 -4.44 7.92 -3.23
N ASP A 386 -5.12 8.96 -2.76
CA ASP A 386 -6.59 9.07 -2.98
C ASP A 386 -6.95 9.23 -4.45
N VAL A 387 -6.18 10.04 -5.17
CA VAL A 387 -6.47 10.22 -6.60
C VAL A 387 -6.19 8.97 -7.38
N LEU A 388 -5.20 8.17 -7.00
CA LEU A 388 -5.03 6.91 -7.71
C LEU A 388 -6.17 5.90 -7.41
N THR A 389 -6.59 5.80 -6.14
CA THR A 389 -7.79 4.95 -5.83
C THR A 389 -8.99 5.36 -6.71
N ARG A 390 -9.26 6.65 -6.75
CA ARG A 390 -10.40 7.17 -7.52
C ARG A 390 -10.23 6.99 -9.04
N ALA A 391 -9.01 7.16 -9.53
CA ALA A 391 -8.75 6.91 -10.94
C ALA A 391 -9.00 5.47 -11.32
N VAL A 392 -8.67 4.54 -10.44
CA VAL A 392 -8.95 3.12 -10.71
C VAL A 392 -10.49 2.88 -10.84
N VAL A 393 -11.28 3.53 -9.98
CA VAL A 393 -12.73 3.35 -10.04
C VAL A 393 -13.25 3.90 -11.35
N HIS A 394 -12.76 5.07 -11.74
CA HIS A 394 -13.14 5.68 -13.03
C HIS A 394 -12.79 4.79 -14.19
N ALA A 395 -11.61 4.16 -14.13
CA ALA A 395 -11.19 3.20 -15.16
C ALA A 395 -12.21 2.08 -15.26
N VAL A 396 -12.63 1.55 -14.11
CA VAL A 396 -13.55 0.39 -14.12
C VAL A 396 -14.91 0.83 -14.65
N LEU A 397 -15.35 2.02 -14.26
CA LEU A 397 -16.71 2.48 -14.63
C LEU A 397 -16.77 2.97 -16.07
N ALA A 398 -15.66 3.51 -16.59
CA ALA A 398 -15.63 4.05 -17.94
C ALA A 398 -15.51 2.98 -18.99
N ALA A 399 -15.04 1.80 -18.61
CA ALA A 399 -14.83 0.73 -19.58
C ALA A 399 -16.14 0.27 -20.21
N THR A 400 -16.08 -0.17 -21.46
CA THR A 400 -17.21 -0.89 -22.02
C THR A 400 -16.66 -2.26 -22.45
N GLY A 401 -17.52 -3.26 -22.51
CA GLY A 401 -17.01 -4.64 -22.67
C GLY A 401 -16.50 -4.99 -24.05
N VAL A 402 -15.70 -6.05 -24.13
CA VAL A 402 -15.20 -6.53 -25.42
C VAL A 402 -15.49 -8.01 -25.59
N ASP A 403 -15.54 -8.46 -26.84
CA ASP A 403 -15.74 -9.89 -27.19
C ASP A 403 -14.97 -10.10 -28.47
N THR A 404 -13.86 -10.82 -28.38
CA THR A 404 -12.96 -10.94 -29.49
C THR A 404 -12.52 -12.41 -29.47
N PRO A 405 -11.75 -12.85 -30.50
CA PRO A 405 -11.28 -14.24 -30.50
C PRO A 405 -10.30 -14.53 -29.34
N GLY A 406 -9.76 -13.50 -28.73
CA GLY A 406 -8.77 -13.65 -27.68
C GLY A 406 -9.35 -13.50 -26.26
N GLY A 407 -10.63 -13.17 -26.18
CA GLY A 407 -11.26 -12.97 -24.87
C GLY A 407 -12.60 -12.26 -24.82
N VAL A 408 -13.36 -12.63 -23.79
CA VAL A 408 -14.65 -12.01 -23.53
C VAL A 408 -14.58 -11.29 -22.17
N HIS A 409 -14.70 -9.97 -22.18
CA HIS A 409 -14.56 -9.14 -20.97
C HIS A 409 -15.66 -8.10 -20.85
N PRO A 410 -16.71 -8.46 -20.13
CA PRO A 410 -17.81 -7.53 -19.94
C PRO A 410 -17.35 -6.41 -19.01
N SER A 411 -18.01 -5.27 -19.06
CA SER A 411 -17.61 -4.17 -18.19
C SER A 411 -18.36 -4.32 -16.86
N TYR A 412 -17.87 -3.67 -15.81
CA TYR A 412 -18.65 -3.53 -14.56
C TYR A 412 -20.07 -3.00 -14.76
N ARG A 413 -20.25 -1.90 -15.50
CA ARG A 413 -21.61 -1.40 -15.73
C ARG A 413 -22.51 -2.41 -16.46
N GLU A 414 -21.97 -3.13 -17.45
CA GLU A 414 -22.77 -4.15 -18.13
C GLU A 414 -23.28 -5.25 -17.17
N LEU A 415 -22.50 -5.56 -16.13
CA LEU A 415 -22.89 -6.58 -15.17
C LEU A 415 -23.76 -6.04 -14.04
N TYR A 416 -23.46 -4.83 -13.58
CA TYR A 416 -24.12 -4.25 -12.39
C TYR A 416 -25.15 -3.14 -12.63
N ALA A 417 -25.09 -2.46 -13.78
CA ALA A 417 -26.07 -1.41 -14.10
C ALA A 417 -27.00 -1.78 -15.26
N GLY B 44 -11.05 -26.43 2.13
CA GLY B 44 -11.95 -26.42 3.32
C GLY B 44 -11.20 -26.06 4.60
N ILE B 45 -9.96 -26.53 4.72
CA ILE B 45 -9.18 -26.27 5.92
C ILE B 45 -8.53 -24.87 5.92
N GLY B 46 -8.61 -24.17 4.77
CA GLY B 46 -8.11 -22.79 4.64
C GLY B 46 -9.19 -21.70 4.66
N GLY B 47 -8.78 -20.44 4.80
CA GLY B 47 -9.75 -19.33 4.87
C GLY B 47 -10.37 -19.17 6.26
N VAL B 48 -9.84 -19.88 7.25
CA VAL B 48 -10.23 -19.72 8.65
C VAL B 48 -8.98 -19.35 9.44
N PRO B 49 -9.16 -18.69 10.61
CA PRO B 49 -8.02 -18.40 11.49
C PRO B 49 -7.40 -19.67 12.05
N GLY B 50 -6.14 -19.58 12.48
CA GLY B 50 -5.54 -20.63 13.29
C GLY B 50 -6.21 -20.69 14.65
N PRO B 51 -5.77 -21.60 15.53
CA PRO B 51 -6.44 -21.86 16.82
C PRO B 51 -6.79 -20.62 17.65
N HIS B 52 -5.90 -19.65 17.77
CA HIS B 52 -6.21 -18.49 18.62
C HIS B 52 -6.30 -17.18 17.81
N ASN B 53 -6.26 -17.29 16.49
CA ASN B 53 -6.35 -16.12 15.60
C ASN B 53 -5.29 -15.09 15.96
N GLY B 54 -4.03 -15.55 15.98
CA GLY B 54 -2.93 -14.67 16.24
C GLY B 54 -1.59 -15.22 15.83
N LEU B 55 -0.57 -14.42 16.13
CA LEU B 55 0.77 -14.66 15.63
C LEU B 55 1.32 -16.00 16.07
N THR B 56 0.90 -16.44 17.28
CA THR B 56 1.41 -17.65 17.85
C THR B 56 0.79 -18.90 17.25
N ASP B 57 -0.15 -18.74 16.34
CA ASP B 57 -0.64 -19.83 15.53
C ASP B 57 0.45 -20.33 14.56
N VAL B 58 1.47 -19.51 14.31
CA VAL B 58 2.66 -19.99 13.61
C VAL B 58 3.52 -20.78 14.62
N PRO B 59 3.59 -22.11 14.47
CA PRO B 59 4.13 -22.84 15.64
C PRO B 59 5.57 -22.39 16.00
N GLY B 60 5.85 -22.29 17.28
CA GLY B 60 7.22 -22.00 17.72
C GLY B 60 7.48 -20.52 17.98
N VAL B 61 6.60 -19.67 17.42
CA VAL B 61 6.70 -18.21 17.60
C VAL B 61 6.11 -17.78 18.94
N ARG B 62 6.84 -16.91 19.63
CA ARG B 62 6.45 -16.48 20.94
C ARG B 62 6.39 -14.95 20.97
N VAL B 63 5.46 -14.43 21.79
CA VAL B 63 5.27 -12.99 21.92
C VAL B 63 5.38 -12.56 23.38
N GLY B 64 6.17 -11.52 23.68
CA GLY B 64 6.25 -11.01 25.04
C GLY B 64 6.03 -9.51 25.10
N HIS B 65 5.28 -9.05 26.11
CA HIS B 65 5.03 -7.63 26.34
C HIS B 65 5.62 -7.22 27.68
N ALA B 66 6.20 -6.02 27.74
CA ALA B 66 6.52 -5.43 29.04
C ALA B 66 6.12 -3.96 28.95
N GLY B 67 5.49 -3.43 29.99
CA GLY B 67 5.01 -2.05 29.97
C GLY B 67 5.09 -1.42 31.35
N ARG B 68 4.92 -0.10 31.39
CA ARG B 68 4.92 0.65 32.65
C ARG B 68 3.78 1.62 32.51
N THR B 69 2.87 1.61 33.47
CA THR B 69 1.68 2.45 33.44
C THR B 69 1.56 3.08 34.81
N GLY B 70 1.29 4.37 34.83
CA GLY B 70 1.09 5.11 36.08
C GLY B 70 2.32 5.92 36.46
N ASP B 71 2.12 6.85 37.38
CA ASP B 71 3.23 7.66 37.88
C ASP B 71 3.96 8.40 36.72
N GLY B 72 3.21 8.88 35.72
CA GLY B 72 3.86 9.47 34.51
C GLY B 72 4.13 8.57 33.32
N TRP B 73 3.99 7.26 33.49
CA TRP B 73 4.34 6.31 32.43
C TRP B 73 3.14 5.78 31.65
N LEU B 74 3.28 5.67 30.33
CA LEU B 74 2.28 4.98 29.50
C LEU B 74 2.99 4.47 28.22
N THR B 75 3.83 3.46 28.37
CA THR B 75 4.66 3.02 27.23
C THR B 75 5.03 1.54 27.44
N GLY B 76 5.68 0.92 26.46
CA GLY B 76 6.12 -0.45 26.65
C GLY B 76 6.81 -1.03 25.45
N VAL B 77 7.10 -2.33 25.53
CA VAL B 77 7.87 -2.97 24.49
C VAL B 77 7.21 -4.30 24.22
N THR B 78 7.23 -4.69 22.95
CA THR B 78 6.75 -5.97 22.54
C THR B 78 7.87 -6.68 21.81
N VAL B 79 8.10 -7.94 22.13
CA VAL B 79 9.15 -8.70 21.49
C VAL B 79 8.53 -9.93 20.85
N VAL B 80 8.84 -10.13 19.57
CA VAL B 80 8.49 -11.38 18.91
C VAL B 80 9.73 -12.25 18.93
N LEU B 81 9.60 -13.45 19.50
CA LEU B 81 10.75 -14.32 19.64
C LEU B 81 10.55 -15.59 18.82
N ALA B 82 11.45 -15.82 17.88
CA ALA B 82 11.45 -17.02 17.06
C ALA B 82 11.86 -18.25 17.87
N PRO B 83 11.48 -19.45 17.40
CA PRO B 83 11.89 -20.71 18.00
C PRO B 83 13.41 -20.88 17.90
N PRO B 84 14.01 -21.69 18.80
CA PRO B 84 15.46 -21.91 18.79
C PRO B 84 15.93 -22.27 17.40
N GLY B 85 17.06 -21.71 16.98
CA GLY B 85 17.55 -21.91 15.64
C GLY B 85 17.25 -20.71 14.78
N GLY B 86 16.30 -19.86 15.19
CA GLY B 86 16.02 -18.61 14.50
C GLY B 86 14.96 -18.74 13.41
N ALA B 87 14.66 -17.62 12.77
CA ALA B 87 13.78 -17.60 11.62
C ALA B 87 14.40 -16.69 10.56
N VAL B 88 14.15 -17.00 9.30
CA VAL B 88 14.52 -16.11 8.18
C VAL B 88 13.73 -14.81 8.32
N ALA B 89 14.42 -13.66 8.22
CA ALA B 89 13.77 -12.40 8.50
C ALA B 89 14.04 -11.37 7.43
N ALA B 90 13.11 -10.44 7.27
CA ALA B 90 13.28 -9.37 6.31
C ALA B 90 12.49 -8.17 6.81
N VAL B 91 12.71 -7.03 6.21
CA VAL B 91 12.02 -5.86 6.69
C VAL B 91 11.57 -4.95 5.53
N ASP B 92 10.50 -4.18 5.72
CA ASP B 92 10.17 -3.12 4.77
C ASP B 92 9.73 -1.88 5.62
N VAL B 93 10.56 -0.84 5.61
CA VAL B 93 10.29 0.40 6.35
C VAL B 93 9.67 1.37 5.36
N ARG B 94 8.38 1.66 5.52
CA ARG B 94 7.65 2.39 4.49
C ARG B 94 7.16 3.78 4.93
N GLY B 95 7.02 4.00 6.24
CA GLY B 95 6.62 5.31 6.70
C GLY B 95 7.74 6.31 6.44
N GLY B 96 7.41 7.58 6.34
CA GLY B 96 8.43 8.62 6.12
C GLY B 96 9.22 9.06 7.33
N GLY B 97 8.86 8.60 8.52
CA GLY B 97 9.52 9.07 9.75
C GLY B 97 9.88 7.91 10.67
N PRO B 98 10.73 6.98 10.20
CA PRO B 98 11.04 5.82 11.00
C PRO B 98 12.02 6.09 12.14
N GLY B 99 11.93 5.24 13.16
CA GLY B 99 12.95 5.09 14.20
C GLY B 99 13.32 3.64 14.19
N THR B 100 14.53 3.30 13.72
CA THR B 100 14.84 1.89 13.55
C THR B 100 16.25 1.51 13.91
N ARG B 101 16.45 0.19 14.03
CA ARG B 101 17.77 -0.32 14.38
C ARG B 101 17.98 -1.65 13.61
N GLU B 102 19.21 -1.85 13.13
CA GLU B 102 19.68 -3.11 12.55
C GLU B 102 18.87 -3.55 11.31
N THR B 103 18.33 -2.61 10.54
CA THR B 103 17.57 -2.99 9.37
C THR B 103 18.49 -3.34 8.17
N ASP B 104 19.68 -2.74 8.10
CA ASP B 104 20.58 -3.12 6.97
C ASP B 104 20.99 -4.60 7.00
N ALA B 105 21.21 -5.13 8.19
CA ALA B 105 21.59 -6.54 8.39
C ALA B 105 20.54 -7.48 7.80
N LEU B 106 19.31 -6.98 7.63
CA LEU B 106 18.22 -7.78 7.06
C LEU B 106 18.12 -7.70 5.54
N ASP B 107 19.02 -7.00 4.88
CA ASP B 107 18.97 -6.92 3.42
C ASP B 107 19.22 -8.31 2.83
N PRO B 108 18.51 -8.66 1.75
CA PRO B 108 18.74 -10.02 1.18
C PRO B 108 20.16 -10.30 0.74
N ARG B 109 20.97 -9.28 0.46
CA ARG B 109 22.36 -9.51 0.01
C ARG B 109 23.28 -9.91 1.13
N ASN B 110 22.84 -9.69 2.37
CA ASN B 110 23.80 -9.63 3.45
C ASN B 110 24.05 -10.94 4.22
N LEU B 111 24.92 -10.88 5.20
CA LEU B 111 25.49 -12.09 5.85
C LEU B 111 24.51 -12.89 6.73
N VAL B 112 23.84 -12.22 7.64
CA VAL B 112 23.06 -12.96 8.64
C VAL B 112 21.60 -13.10 8.17
N GLN B 113 21.22 -14.28 7.68
CA GLN B 113 19.87 -14.47 7.10
C GLN B 113 18.75 -14.73 8.14
N THR B 114 19.09 -15.43 9.23
CA THR B 114 18.11 -15.77 10.28
C THR B 114 18.41 -15.06 11.60
N ILE B 115 17.34 -14.63 12.27
CA ILE B 115 17.43 -13.96 13.58
C ILE B 115 16.50 -14.61 14.59
N ASP B 116 16.64 -14.23 15.86
CA ASP B 116 15.78 -14.78 16.91
C ASP B 116 14.69 -13.84 17.41
N ALA B 117 14.92 -12.56 17.30
CA ALA B 117 14.01 -11.61 17.93
C ALA B 117 13.91 -10.27 17.21
N VAL B 118 12.68 -9.75 17.23
CA VAL B 118 12.33 -8.46 16.65
C VAL B 118 11.73 -7.61 17.81
N VAL B 119 12.19 -6.37 17.92
CA VAL B 119 11.71 -5.49 18.98
C VAL B 119 10.84 -4.38 18.44
N LEU B 120 9.63 -4.23 19.03
CA LEU B 120 8.74 -3.12 18.71
C LEU B 120 8.62 -2.35 20.00
N THR B 121 8.77 -1.04 19.96
CA THR B 121 8.89 -0.27 21.19
C THR B 121 8.28 1.15 21.10
N GLY B 122 7.73 1.62 22.22
CA GLY B 122 7.35 3.03 22.38
C GLY B 122 8.57 3.88 22.69
N GLY B 123 8.33 5.14 23.06
CA GLY B 123 9.39 6.06 23.39
C GLY B 123 10.17 6.62 22.21
N SER B 124 9.63 6.54 21.00
CA SER B 124 10.30 7.18 19.82
C SER B 124 11.75 6.68 19.71
N ALA B 125 12.67 7.48 19.16
CA ALA B 125 14.04 6.94 18.97
C ALA B 125 14.73 6.55 20.28
N PHE B 126 14.39 7.22 21.36
CA PHE B 126 15.01 6.90 22.67
C PHE B 126 14.70 5.46 23.01
N GLY B 127 13.50 5.01 22.61
CA GLY B 127 13.05 3.65 22.92
C GLY B 127 13.84 2.55 22.26
N LEU B 128 14.58 2.88 21.21
CA LEU B 128 15.49 1.89 20.62
C LEU B 128 16.48 1.36 21.62
N ASP B 129 16.73 2.10 22.71
CA ASP B 129 17.54 1.57 23.82
C ASP B 129 17.04 0.21 24.30
N ALA B 130 15.73 -0.04 24.19
CA ALA B 130 15.20 -1.35 24.67
C ALA B 130 15.87 -2.53 23.98
N ALA B 131 16.22 -2.37 22.68
CA ALA B 131 16.85 -3.46 21.94
C ALA B 131 18.16 -3.98 22.57
N GLY B 132 18.95 -3.07 23.15
CA GLY B 132 20.21 -3.45 23.84
C GLY B 132 19.98 -4.50 24.91
N GLY B 133 18.84 -4.44 25.58
CA GLY B 133 18.53 -5.40 26.63
C GLY B 133 18.15 -6.74 26.06
N VAL B 134 17.49 -6.73 24.90
CA VAL B 134 17.16 -7.98 24.24
C VAL B 134 18.41 -8.66 23.69
N ALA B 135 19.36 -7.88 23.15
CA ALA B 135 20.61 -8.46 22.65
C ALA B 135 21.36 -9.13 23.81
N ALA B 136 21.34 -8.46 24.97
CA ALA B 136 22.05 -8.96 26.14
C ALA B 136 21.46 -10.31 26.57
N TRP B 137 20.14 -10.38 26.67
CA TRP B 137 19.48 -11.64 27.04
C TRP B 137 19.83 -12.77 26.06
N LEU B 138 19.75 -12.46 24.76
CA LEU B 138 20.03 -13.45 23.73
C LEU B 138 21.45 -13.94 23.85
N GLU B 139 22.40 -13.02 24.05
CA GLU B 139 23.79 -13.41 24.29
C GLU B 139 23.88 -14.42 25.46
N GLU B 140 23.19 -14.13 26.55
CA GLU B 140 23.21 -15.01 27.73
C GLU B 140 22.64 -16.39 27.39
N GLN B 141 21.69 -16.41 26.46
CA GLN B 141 21.09 -17.63 26.00
C GLN B 141 21.92 -18.37 24.96
N GLY B 142 23.05 -17.78 24.55
CA GLY B 142 23.86 -18.35 23.46
C GLY B 142 23.13 -18.33 22.10
N ARG B 143 22.30 -17.31 21.88
CA ARG B 143 21.54 -17.20 20.63
C ARG B 143 21.92 -15.93 19.82
N GLY B 144 22.50 -16.14 18.65
CA GLY B 144 22.93 -15.05 17.82
C GLY B 144 23.79 -15.65 16.73
N PHE B 145 24.32 -14.78 15.89
CA PHE B 145 25.18 -15.22 14.83
C PHE B 145 26.54 -15.63 15.45
N PRO B 146 27.00 -16.87 15.13
CA PRO B 146 28.26 -17.37 15.68
C PRO B 146 29.44 -16.57 15.10
N VAL B 147 30.34 -16.08 15.98
CA VAL B 147 31.51 -15.32 15.56
C VAL B 147 32.82 -15.96 16.06
N GLY B 148 32.73 -17.16 16.60
CA GLY B 148 33.95 -17.85 16.99
C GLY B 148 33.74 -19.33 17.12
N ALA B 149 34.81 -20.02 17.50
CA ALA B 149 34.80 -21.47 17.69
C ALA B 149 33.99 -21.85 18.93
N ASP B 150 34.14 -21.06 20.00
CA ASP B 150 33.35 -21.20 21.22
C ASP B 150 31.90 -20.90 20.88
N PRO B 151 31.02 -21.90 21.01
CA PRO B 151 29.61 -21.64 20.69
C PRO B 151 28.95 -20.58 21.60
N SER B 152 29.65 -20.09 22.64
CA SER B 152 29.13 -18.97 23.44
C SER B 152 29.40 -17.59 22.78
N GLN B 153 30.29 -17.58 21.80
CA GLN B 153 30.63 -16.36 21.09
C GLN B 153 29.64 -16.19 19.95
N VAL B 154 28.60 -15.39 20.22
CA VAL B 154 27.52 -15.13 19.27
C VAL B 154 27.24 -13.63 19.29
N VAL B 155 26.75 -13.09 18.17
CA VAL B 155 26.33 -11.69 18.13
C VAL B 155 24.91 -11.66 17.63
N PRO B 156 23.95 -11.32 18.53
CA PRO B 156 22.53 -11.32 18.16
C PRO B 156 22.25 -10.14 17.23
N VAL B 157 21.59 -10.43 16.11
CA VAL B 157 21.11 -9.38 15.21
C VAL B 157 19.69 -9.05 15.65
N VAL B 158 19.51 -7.90 16.27
CA VAL B 158 18.19 -7.54 16.86
C VAL B 158 17.62 -6.29 16.21
N PRO B 159 16.81 -6.45 15.13
CA PRO B 159 16.18 -5.22 14.57
C PRO B 159 15.14 -4.64 15.49
N ALA B 160 14.95 -3.34 15.42
CA ALA B 160 13.92 -2.70 16.22
C ALA B 160 13.26 -1.58 15.43
N ALA B 161 11.99 -1.35 15.74
CA ALA B 161 11.33 -0.16 15.28
C ALA B 161 10.52 0.49 16.41
N ALA B 162 10.42 1.79 16.35
CA ALA B 162 9.86 2.52 17.46
C ALA B 162 8.65 3.36 17.00
N LEU B 163 7.75 3.64 17.94
CA LEU B 163 6.62 4.51 17.69
C LEU B 163 6.64 5.69 18.66
N PHE B 164 6.04 6.81 18.26
CA PHE B 164 6.14 8.01 19.05
C PHE B 164 4.99 8.08 20.06
N ASP B 165 5.30 7.99 21.34
CA ASP B 165 4.24 8.12 22.35
C ASP B 165 4.70 9.03 23.47
N LEU B 166 5.61 9.96 23.19
CA LEU B 166 6.27 10.67 24.28
C LEU B 166 5.28 11.50 25.07
N GLY B 167 5.43 11.46 26.41
CA GLY B 167 4.65 12.32 27.29
C GLY B 167 3.21 11.85 27.52
N ARG B 168 2.76 10.82 26.80
CA ARG B 168 1.35 10.34 26.92
C ARG B 168 0.94 9.83 28.32
N GLY B 169 1.92 9.61 29.18
CA GLY B 169 1.62 9.29 30.59
C GLY B 169 1.72 10.51 31.49
N GLY B 170 2.24 11.62 30.96
CA GLY B 170 2.43 12.85 31.75
C GLY B 170 3.89 13.27 31.86
N THR B 171 4.80 12.29 31.87
CA THR B 171 6.26 12.55 32.05
C THR B 171 7.06 12.32 30.75
N TRP B 172 7.59 13.42 30.23
CA TRP B 172 8.19 13.42 28.92
C TRP B 172 9.30 12.38 28.74
N ARG B 173 10.06 12.14 29.82
CA ARG B 173 11.26 11.33 29.69
C ARG B 173 11.01 9.91 30.16
N ALA B 174 9.73 9.53 30.29
CA ALA B 174 9.37 8.16 30.64
C ALA B 174 9.35 7.26 29.40
N ARG B 175 10.48 6.65 29.11
CA ARG B 175 10.62 5.86 27.88
C ARG B 175 11.22 4.48 28.13
N PRO B 176 10.87 3.49 27.27
CA PRO B 176 11.48 2.17 27.41
C PRO B 176 13.02 2.21 27.41
N ASP B 177 13.63 1.39 28.26
CA ASP B 177 15.07 1.26 28.30
C ASP B 177 15.44 -0.21 28.14
N ALA B 178 16.73 -0.52 28.21
CA ALA B 178 17.26 -1.89 28.13
C ALA B 178 16.53 -2.86 29.06
N ALA B 179 16.33 -2.49 30.32
CA ALA B 179 15.70 -3.38 31.26
C ALA B 179 14.29 -3.72 30.82
N LEU B 180 13.57 -2.74 30.29
CA LEU B 180 12.22 -2.99 29.85
C LEU B 180 12.20 -3.88 28.60
N GLY B 181 13.19 -3.70 27.70
CA GLY B 181 13.36 -4.60 26.54
C GLY B 181 13.66 -6.01 27.02
N ARG B 182 14.58 -6.14 27.98
CA ARG B 182 14.87 -7.44 28.56
C ARG B 182 13.63 -8.09 29.17
N ALA B 183 12.86 -7.33 29.96
CA ALA B 183 11.62 -7.86 30.54
C ALA B 183 10.71 -8.47 29.47
N ALA B 184 10.58 -7.76 28.34
CA ALA B 184 9.69 -8.20 27.27
C ALA B 184 10.13 -9.53 26.66
N VAL B 185 11.41 -9.67 26.37
CA VAL B 185 11.89 -10.92 25.80
C VAL B 185 11.87 -12.03 26.85
N GLU B 186 12.11 -11.71 28.12
CA GLU B 186 12.00 -12.77 29.12
C GLU B 186 10.54 -13.29 29.20
N ALA B 187 9.56 -12.39 29.06
CA ALA B 187 8.16 -12.80 29.13
C ALA B 187 7.74 -13.65 27.93
N ALA B 188 8.36 -13.42 26.78
CA ALA B 188 8.10 -14.23 25.57
C ALA B 188 8.66 -15.64 25.77
N ALA B 189 9.92 -15.69 26.26
CA ALA B 189 10.57 -16.97 26.52
C ALA B 189 9.74 -17.81 27.53
N ALA B 190 9.12 -17.14 28.49
CA ALA B 190 8.33 -17.83 29.51
C ALA B 190 7.00 -18.42 29.01
N ARG B 191 6.55 -18.05 27.81
CA ARG B 191 5.26 -18.54 27.29
C ARG B 191 5.39 -19.93 26.67
N PRO B 192 4.33 -20.74 26.82
CA PRO B 192 4.18 -21.97 26.02
C PRO B 192 4.02 -21.69 24.52
N GLU B 193 4.27 -22.72 23.71
CA GLU B 193 3.99 -22.64 22.27
C GLU B 193 2.50 -22.42 22.07
N GLY B 194 2.16 -21.74 20.99
CA GLY B 194 0.76 -21.46 20.64
C GLY B 194 -0.11 -20.82 21.71
N ASP B 195 0.47 -19.99 22.57
CA ASP B 195 -0.25 -19.26 23.61
C ASP B 195 -1.00 -18.08 22.97
N PRO B 196 -2.29 -17.90 23.30
CA PRO B 196 -2.99 -16.73 22.78
C PRO B 196 -2.19 -15.47 23.07
N VAL B 197 -2.05 -14.59 22.07
CA VAL B 197 -1.37 -13.30 22.23
C VAL B 197 -2.27 -12.32 22.96
N GLU B 198 -1.73 -11.65 23.97
CA GLU B 198 -2.49 -10.61 24.65
C GLU B 198 -2.61 -9.34 23.81
N GLN B 199 -3.81 -8.78 23.72
CA GLN B 199 -4.06 -7.62 22.86
C GLN B 199 -4.39 -6.36 23.65
N GLY B 200 -4.47 -5.22 22.98
CA GLY B 200 -4.86 -3.98 23.66
C GLY B 200 -3.72 -3.13 24.15
N GLY B 201 -3.95 -2.44 25.27
CA GLY B 201 -3.00 -1.48 25.82
C GLY B 201 -1.81 -2.10 26.54
N VAL B 202 -1.02 -2.91 25.83
CA VAL B 202 0.06 -3.71 26.41
C VAL B 202 1.29 -3.62 25.53
N GLY B 203 2.47 -3.86 26.11
CA GLY B 203 3.69 -3.81 25.31
C GLY B 203 3.84 -2.49 24.58
N ALA B 204 4.30 -2.53 23.32
CA ALA B 204 4.45 -1.34 22.49
C ALA B 204 3.15 -0.55 22.26
N GLY B 205 2.02 -1.23 22.36
CA GLY B 205 0.69 -0.58 22.27
C GLY B 205 0.23 0.16 23.50
N THR B 206 1.02 0.12 24.58
CA THR B 206 0.55 0.66 25.87
C THR B 206 0.16 2.14 25.71
N GLY B 207 1.02 2.94 25.10
CA GLY B 207 0.69 4.33 24.86
C GLY B 207 0.35 4.66 23.40
N ALA B 208 -0.05 3.66 22.62
CA ALA B 208 -0.37 3.83 21.19
C ALA B 208 -1.74 4.49 21.04
N VAL B 209 -1.80 5.41 20.08
CA VAL B 209 -3.00 6.19 19.77
C VAL B 209 -3.18 6.10 18.26
N VAL B 210 -4.43 5.98 17.81
CA VAL B 210 -4.68 5.82 16.37
C VAL B 210 -5.76 6.78 15.95
N GLY B 211 -5.37 7.86 15.26
CA GLY B 211 -6.36 8.86 14.84
C GLY B 211 -7.08 9.52 16.01
N GLY B 212 -6.40 9.60 17.14
CA GLY B 212 -6.98 10.29 18.29
C GLY B 212 -7.64 9.32 19.26
N LEU B 213 -7.98 8.12 18.75
CA LEU B 213 -8.60 7.07 19.57
C LEU B 213 -7.46 6.26 20.21
N LYS B 214 -7.69 5.63 21.36
CA LYS B 214 -6.72 4.66 21.90
C LYS B 214 -6.41 3.54 20.90
N GLY B 215 -5.12 3.31 20.64
CA GLY B 215 -4.64 2.22 19.80
C GLY B 215 -4.09 1.14 20.71
N GLY B 216 -3.29 0.22 20.17
CA GLY B 216 -2.82 -0.89 20.96
C GLY B 216 -2.31 -2.04 20.12
N ILE B 217 -2.16 -3.20 20.77
CA ILE B 217 -1.65 -4.40 20.11
C ILE B 217 -2.85 -5.12 19.50
N GLY B 218 -2.69 -5.63 18.27
CA GLY B 218 -3.75 -6.43 17.64
C GLY B 218 -3.07 -7.55 16.88
N THR B 219 -3.77 -8.66 16.69
CA THR B 219 -3.17 -9.82 16.03
C THR B 219 -4.25 -10.66 15.28
N ALA B 220 -3.84 -11.38 14.24
CA ALA B 220 -4.79 -12.17 13.43
C ALA B 220 -4.00 -13.22 12.67
N SER B 221 -4.66 -14.31 12.28
CA SER B 221 -4.02 -15.33 11.51
C SER B 221 -4.98 -15.92 10.47
N VAL B 222 -4.41 -16.55 9.45
CA VAL B 222 -5.18 -17.33 8.52
C VAL B 222 -4.41 -18.62 8.19
N VAL B 223 -5.16 -19.69 7.96
CA VAL B 223 -4.59 -20.94 7.46
C VAL B 223 -4.83 -21.03 5.97
N LEU B 224 -3.78 -21.23 5.18
CA LEU B 224 -3.97 -21.39 3.74
C LEU B 224 -4.39 -22.82 3.39
N ASP B 225 -4.74 -23.03 2.13
CA ASP B 225 -5.22 -24.35 1.70
C ASP B 225 -4.11 -25.38 1.81
N SER B 226 -2.87 -24.91 1.86
CA SER B 226 -1.74 -25.82 1.95
C SER B 226 -1.50 -26.30 3.37
N GLY B 227 -2.24 -25.79 4.34
CA GLY B 227 -1.90 -26.04 5.76
C GLY B 227 -0.92 -25.04 6.38
N ALA B 228 -0.29 -24.18 5.57
CA ALA B 228 0.60 -23.13 6.13
C ALA B 228 -0.24 -22.07 6.80
N THR B 229 0.29 -21.47 7.86
CA THR B 229 -0.36 -20.37 8.58
C THR B 229 0.38 -19.07 8.26
N VAL B 230 -0.38 -17.99 8.07
CA VAL B 230 0.21 -16.68 7.95
C VAL B 230 -0.44 -15.83 9.03
N ALA B 231 0.33 -15.00 9.70
CA ALA B 231 -0.24 -14.26 10.81
C ALA B 231 0.48 -12.92 11.02
N ALA B 232 -0.20 -11.98 11.67
CA ALA B 232 0.34 -10.65 11.90
C ALA B 232 0.09 -10.21 13.32
N LEU B 233 1.02 -9.40 13.83
CA LEU B 233 0.86 -8.73 15.09
C LEU B 233 1.19 -7.28 14.77
N ALA B 234 0.36 -6.35 15.26
CA ALA B 234 0.56 -4.91 15.00
C ALA B 234 0.43 -4.07 16.28
N ALA B 235 1.27 -3.03 16.37
CA ALA B 235 1.14 -2.02 17.41
C ALA B 235 0.66 -0.79 16.67
N VAL B 236 -0.62 -0.45 16.84
CA VAL B 236 -1.21 0.56 16.01
C VAL B 236 -1.15 1.94 16.65
N ASN B 237 -0.34 2.81 16.05
CA ASN B 237 -0.12 4.16 16.58
C ASN B 237 -0.30 5.22 15.50
N ALA B 238 -1.18 4.95 14.54
CA ALA B 238 -1.30 5.78 13.36
C ALA B 238 -1.75 7.24 13.60
N ALA B 239 -1.10 8.16 12.89
CA ALA B 239 -1.58 9.56 12.84
C ALA B 239 -2.90 9.68 12.03
N GLY B 240 -3.03 8.87 10.99
CA GLY B 240 -4.28 8.78 10.24
C GLY B 240 -5.36 7.95 10.95
N SER B 241 -6.45 7.67 10.25
CA SER B 241 -7.61 7.12 10.90
C SER B 241 -7.94 5.67 10.52
N ALA B 242 -8.34 4.88 11.51
CA ALA B 242 -8.80 3.52 11.28
C ALA B 242 -10.30 3.52 10.97
N VAL B 243 -10.89 4.72 11.03
CA VAL B 243 -12.33 4.89 10.97
C VAL B 243 -12.74 5.75 9.75
N ASP B 244 -13.71 5.28 8.98
CA ASP B 244 -14.24 6.09 7.86
C ASP B 244 -14.97 7.30 8.46
N PRO B 245 -14.49 8.53 8.18
CA PRO B 245 -15.07 9.69 8.86
C PRO B 245 -16.47 10.07 8.38
N ALA B 246 -16.95 9.41 7.32
CA ALA B 246 -18.28 9.68 6.82
C ALA B 246 -19.31 8.83 7.55
N THR B 247 -18.92 7.60 7.96
CA THR B 247 -19.83 6.61 8.56
C THR B 247 -19.50 6.06 9.97
N GLY B 248 -18.24 6.13 10.40
CA GLY B 248 -17.86 5.48 11.67
C GLY B 248 -17.48 4.01 11.53
N VAL B 249 -17.54 3.48 10.32
CA VAL B 249 -17.19 2.08 10.07
C VAL B 249 -15.66 1.91 10.08
N LEU B 250 -15.16 0.83 10.69
CA LEU B 250 -13.70 0.53 10.65
C LEU B 250 -13.27 0.15 9.24
N TYR B 251 -12.35 0.92 8.65
CA TYR B 251 -11.87 0.62 7.28
C TYR B 251 -11.57 -0.83 7.07
N GLY B 252 -10.90 -1.45 8.05
CA GLY B 252 -10.39 -2.82 7.90
C GLY B 252 -11.45 -3.91 8.02
N ALA B 253 -12.62 -3.56 8.56
CA ALA B 253 -13.65 -4.56 8.91
C ALA B 253 -14.06 -5.46 7.76
N ARG B 254 -14.16 -4.92 6.56
CA ARG B 254 -14.73 -5.70 5.48
C ARG B 254 -13.74 -6.76 4.96
N THR B 255 -12.50 -6.73 5.48
CA THR B 255 -11.51 -7.78 5.18
C THR B 255 -11.60 -8.92 6.22
N GLY B 256 -12.37 -8.71 7.28
CA GLY B 256 -12.57 -9.72 8.32
C GLY B 256 -13.11 -11.04 7.80
N LEU B 257 -12.77 -12.13 8.48
CA LEU B 257 -13.36 -13.43 8.18
C LEU B 257 -14.66 -13.48 8.95
N PRO B 258 -15.59 -14.37 8.55
CA PRO B 258 -16.96 -14.35 9.11
C PRO B 258 -16.98 -14.46 10.64
N GLY B 259 -17.61 -13.48 11.29
CA GLY B 259 -17.81 -13.51 12.74
C GLY B 259 -16.63 -13.16 13.64
N GLU B 260 -15.47 -12.84 13.07
CA GLU B 260 -14.27 -12.80 13.90
C GLU B 260 -14.24 -11.64 14.89
N PHE B 261 -15.02 -10.60 14.60
CA PHE B 261 -15.06 -9.42 15.43
C PHE B 261 -16.23 -9.44 16.44
N ALA B 262 -17.10 -10.44 16.33
CA ALA B 262 -18.33 -10.54 17.15
C ALA B 262 -18.12 -10.46 18.66
N GLY B 263 -17.07 -11.12 19.15
CA GLY B 263 -16.76 -11.16 20.57
C GLY B 263 -16.51 -9.80 21.23
N TYR B 264 -16.57 -8.73 20.41
CA TYR B 264 -16.36 -7.34 20.88
C TYR B 264 -17.69 -6.54 20.98
N GLY B 265 -18.69 -6.93 20.20
CA GLY B 265 -20.05 -6.40 20.31
C GLY B 265 -20.29 -5.01 19.77
N VAL B 266 -20.08 -4.83 18.46
CA VAL B 266 -20.27 -3.53 17.79
C VAL B 266 -21.41 -3.57 16.75
N PRO B 267 -22.39 -2.64 16.87
CA PRO B 267 -23.55 -2.60 15.94
C PRO B 267 -23.16 -2.81 14.47
N ASP B 268 -23.97 -3.53 13.71
CA ASP B 268 -23.65 -3.75 12.30
C ASP B 268 -24.01 -2.51 11.47
N ALA B 269 -25.14 -1.90 11.82
CA ALA B 269 -25.41 -0.52 11.38
C ALA B 269 -24.91 0.42 12.48
N ILE B 270 -24.18 1.45 12.07
CA ILE B 270 -23.84 2.54 12.97
C ILE B 270 -24.72 3.74 12.65
N GLY B 271 -25.52 4.19 13.61
CA GLY B 271 -26.44 5.30 13.35
C GLY B 271 -25.75 6.63 13.10
N ALA B 272 -26.32 7.42 12.20
CA ALA B 272 -25.85 8.76 11.93
C ALA B 272 -25.63 9.56 13.22
N ASP B 273 -26.53 9.38 14.18
CA ASP B 273 -26.44 10.06 15.48
C ASP B 273 -25.30 9.55 16.36
N THR B 274 -25.13 8.23 16.42
CA THR B 274 -24.06 7.59 17.17
C THR B 274 -22.71 8.07 16.65
N HIS B 275 -22.61 8.11 15.31
CA HIS B 275 -21.38 8.53 14.67
C HIS B 275 -21.12 10.01 14.96
N ALA B 276 -22.16 10.84 14.85
CA ALA B 276 -22.03 12.29 15.15
C ALA B 276 -21.63 12.59 16.59
N ARG B 277 -22.21 11.86 17.54
CA ARG B 277 -21.80 12.01 18.93
C ARG B 277 -20.33 11.58 19.08
N ALA B 278 -19.99 10.46 18.44
CA ALA B 278 -18.64 9.93 18.51
C ALA B 278 -17.63 10.95 18.03
N ARG B 279 -17.92 11.61 16.91
CA ARG B 279 -17.03 12.61 16.34
C ARG B 279 -16.86 13.76 17.31
N ALA B 280 -17.97 14.23 17.89
CA ALA B 280 -17.93 15.30 18.86
C ALA B 280 -17.08 14.90 20.08
N ARG B 281 -17.28 13.69 20.60
CA ARG B 281 -16.49 13.25 21.74
C ARG B 281 -14.99 13.25 21.41
N LEU B 282 -14.65 12.71 20.24
CA LEU B 282 -13.27 12.60 19.85
C LEU B 282 -12.66 14.00 19.65
N ALA B 283 -13.38 14.90 18.99
CA ALA B 283 -12.90 16.29 18.82
C ALA B 283 -12.60 16.94 20.18
N GLU B 284 -13.43 16.63 21.17
CA GLU B 284 -13.29 17.17 22.53
C GLU B 284 -12.13 16.55 23.29
N ALA B 285 -11.95 15.23 23.15
CA ALA B 285 -10.79 14.55 23.75
C ALA B 285 -9.50 15.09 23.13
N ALA B 286 -9.54 15.29 21.81
CA ALA B 286 -8.40 15.88 21.08
C ALA B 286 -8.05 17.32 21.51
N GLU B 287 -9.06 18.15 21.78
CA GLU B 287 -8.85 19.54 22.23
C GLU B 287 -8.31 19.57 23.65
N GLU B 288 -8.84 18.67 24.48
CA GLU B 288 -8.41 18.55 25.86
C GLU B 288 -7.01 17.94 25.93
N THR B 289 -6.76 16.93 25.11
CA THR B 289 -5.43 16.35 25.01
C THR B 289 -4.39 17.43 24.69
N ALA B 290 -4.73 18.28 23.73
CA ALA B 290 -3.86 19.37 23.28
C ALA B 290 -3.60 20.41 24.37
N ARG B 291 -4.62 20.82 25.11
CA ARG B 291 -4.41 21.78 26.19
C ARG B 291 -3.55 21.17 27.29
N ARG B 292 -3.76 19.88 27.49
CA ARG B 292 -3.11 19.18 28.57
C ARG B 292 -1.60 19.01 28.27
N ARG B 293 -1.25 18.98 26.99
CA ARG B 293 0.16 18.85 26.58
C ARG B 293 0.90 20.20 26.54
N ALA B 294 0.44 21.14 27.38
CA ALA B 294 1.05 22.49 27.57
C ALA B 294 1.31 23.22 26.25
N THR B 302 2.18 5.73 12.88
CA THR B 302 3.07 4.60 12.88
C THR B 302 2.27 3.38 13.36
N THR B 303 2.42 2.51 12.32
CA THR B 303 2.04 1.14 12.76
C THR B 303 3.25 0.25 12.64
N LEU B 304 3.56 -0.49 13.70
CA LEU B 304 4.69 -1.40 13.73
C LEU B 304 4.15 -2.83 13.68
N ALA B 305 4.71 -3.67 12.81
CA ALA B 305 4.10 -4.98 12.64
C ALA B 305 5.09 -6.04 12.39
N VAL B 306 4.75 -7.24 12.82
CA VAL B 306 5.49 -8.41 12.44
C VAL B 306 4.54 -9.34 11.75
N VAL B 307 4.93 -9.82 10.56
CA VAL B 307 4.13 -10.80 9.87
C VAL B 307 4.95 -12.09 9.83
N ALA B 308 4.32 -13.22 10.08
CA ALA B 308 5.07 -14.46 10.16
C ALA B 308 4.33 -15.59 9.49
N THR B 309 5.09 -16.61 9.11
CA THR B 309 4.49 -17.79 8.49
C THR B 309 5.41 -18.97 8.68
N ASP B 310 4.85 -20.18 8.67
CA ASP B 310 5.67 -21.35 8.71
C ASP B 310 5.98 -21.90 7.32
N ALA B 311 5.40 -21.28 6.29
CA ALA B 311 5.81 -21.57 4.92
C ALA B 311 7.25 -21.12 4.78
N THR B 312 8.09 -21.99 4.23
CA THR B 312 9.50 -21.71 3.99
C THR B 312 9.70 -20.64 2.93
N LEU B 313 10.23 -19.48 3.35
CA LEU B 313 10.54 -18.37 2.43
C LEU B 313 12.05 -18.07 2.44
N THR B 314 12.63 -17.77 1.29
CA THR B 314 13.98 -17.21 1.26
C THR B 314 13.83 -15.79 1.80
N ARG B 315 14.95 -15.14 2.13
CA ARG B 315 14.90 -13.79 2.63
C ARG B 315 14.31 -12.80 1.58
N ALA B 316 14.63 -12.97 0.29
CA ALA B 316 14.01 -12.13 -0.73
C ALA B 316 12.49 -12.26 -0.74
N GLN B 317 11.98 -13.48 -0.58
CA GLN B 317 10.53 -13.70 -0.56
C GLN B 317 9.92 -13.10 0.69
N ALA B 318 10.62 -13.21 1.83
CA ALA B 318 10.14 -12.57 3.06
C ALA B 318 10.14 -11.03 2.91
N GLN B 319 11.10 -10.51 2.13
CA GLN B 319 11.15 -9.04 1.98
C GLN B 319 9.96 -8.63 1.14
N LYS B 320 9.61 -9.42 0.13
CA LYS B 320 8.40 -9.17 -0.65
C LYS B 320 7.13 -9.26 0.22
N LEU B 321 7.04 -10.28 1.09
CA LEU B 321 5.96 -10.39 2.10
C LEU B 321 5.85 -9.16 3.02
N ALA B 322 6.95 -8.68 3.58
CA ALA B 322 6.93 -7.42 4.36
C ALA B 322 6.35 -6.27 3.50
N GLY B 323 6.69 -6.27 2.22
CA GLY B 323 6.15 -5.26 1.31
C GLY B 323 4.65 -5.38 1.05
N THR B 324 4.15 -6.56 0.77
CA THR B 324 2.70 -6.70 0.56
C THR B 324 1.88 -6.52 1.85
N ALA B 325 2.49 -6.78 3.01
CA ALA B 325 1.79 -6.53 4.30
C ALA B 325 1.43 -5.04 4.39
N HIS B 326 2.30 -4.18 3.88
CA HIS B 326 1.96 -2.75 3.89
C HIS B 326 0.68 -2.41 3.14
N ASP B 327 0.28 -3.20 2.14
CA ASP B 327 -0.99 -2.90 1.44
C ASP B 327 -2.19 -3.19 2.38
N GLY B 328 -2.01 -4.20 3.23
CA GLY B 328 -3.02 -4.56 4.26
C GLY B 328 -3.16 -3.39 5.26
N LEU B 329 -2.03 -2.80 5.62
CA LEU B 329 -2.08 -1.63 6.46
C LEU B 329 -2.87 -0.51 5.79
N ALA B 330 -2.62 -0.25 4.51
CA ALA B 330 -3.33 0.79 3.78
C ALA B 330 -4.83 0.56 3.75
N ARG B 331 -5.26 -0.71 3.69
CA ARG B 331 -6.71 -0.98 3.67
C ARG B 331 -7.35 -0.78 5.06
N ALA B 332 -6.52 -0.70 6.09
CA ALA B 332 -7.05 -0.54 7.44
C ALA B 332 -6.94 0.89 8.00
N VAL B 333 -6.00 1.68 7.47
CA VAL B 333 -5.72 2.99 8.02
C VAL B 333 -5.57 4.01 6.90
N ARG B 334 -6.18 5.18 7.05
CA ARG B 334 -5.99 6.18 6.01
C ARG B 334 -5.99 7.57 6.63
N PRO B 335 -5.00 8.43 6.26
CA PRO B 335 -3.85 8.03 5.45
C PRO B 335 -2.79 7.22 6.22
N VAL B 336 -1.80 6.67 5.49
CA VAL B 336 -0.66 5.95 6.11
C VAL B 336 0.64 6.24 5.37
N HIS B 337 1.76 5.80 5.94
CA HIS B 337 3.09 5.96 5.29
C HIS B 337 3.51 7.40 5.00
N LEU B 338 2.95 8.35 5.73
CA LEU B 338 3.27 9.76 5.49
C LEU B 338 4.61 10.10 6.17
N LEU B 339 5.10 11.35 6.05
CA LEU B 339 6.36 11.71 6.70
C LEU B 339 6.27 11.58 8.22
N SER B 340 5.05 11.66 8.71
CA SER B 340 4.86 11.64 10.15
C SER B 340 4.60 10.23 10.69
N ASP B 341 4.59 9.22 9.80
CA ASP B 341 4.42 7.82 10.18
C ASP B 341 5.73 7.07 10.06
N GLY B 342 5.98 6.13 10.98
CA GLY B 342 7.22 5.33 11.01
C GLY B 342 6.94 3.88 10.65
N ASP B 343 5.86 3.64 9.89
CA ASP B 343 5.39 2.31 9.51
C ASP B 343 6.48 1.34 9.07
N THR B 344 6.57 0.21 9.78
CA THR B 344 7.60 -0.77 9.57
C THR B 344 7.01 -2.17 9.71
N VAL B 345 7.29 -3.00 8.71
CA VAL B 345 6.88 -4.38 8.82
C VAL B 345 8.11 -5.26 8.77
N PHE B 346 8.23 -6.11 9.78
CA PHE B 346 9.14 -7.24 9.77
C PHE B 346 8.44 -8.54 9.38
N ALA B 347 9.09 -9.33 8.54
CA ALA B 347 8.49 -10.56 8.07
C ALA B 347 9.40 -11.70 8.51
N LEU B 348 8.81 -12.76 9.03
CA LEU B 348 9.56 -13.91 9.53
C LEU B 348 9.02 -15.18 8.94
N SER B 349 9.91 -16.12 8.63
CA SER B 349 9.48 -17.45 8.25
C SER B 349 10.24 -18.47 9.07
N THR B 350 9.49 -19.39 9.70
CA THR B 350 10.08 -20.40 10.53
C THR B 350 10.61 -21.57 9.73
N GLY B 351 10.31 -21.65 8.43
CA GLY B 351 10.94 -22.66 7.55
C GLY B 351 10.49 -24.10 7.77
N ARG B 352 9.30 -24.30 8.33
CA ARG B 352 8.91 -25.63 8.71
C ARG B 352 8.08 -26.40 7.67
N ARG B 353 7.45 -25.69 6.74
CA ARG B 353 6.66 -26.34 5.70
C ARG B 353 7.18 -25.91 4.36
N PRO B 354 7.30 -26.86 3.43
CA PRO B 354 7.67 -26.42 2.09
C PRO B 354 6.60 -25.47 1.58
N LEU B 355 6.96 -24.68 0.57
CA LEU B 355 6.06 -23.69 0.01
C LEU B 355 4.98 -24.35 -0.82
N LEU B 356 5.38 -25.40 -1.53
CA LEU B 356 4.52 -26.11 -2.44
C LEU B 356 4.40 -27.58 -2.02
N PRO B 357 3.16 -28.12 -1.94
CA PRO B 357 3.01 -29.56 -1.62
C PRO B 357 3.52 -30.46 -2.76
N ASP B 358 3.64 -31.76 -2.48
CA ASP B 358 4.36 -32.70 -3.36
C ASP B 358 3.60 -33.19 -4.61
N ARG B 359 2.26 -33.17 -4.55
CA ARG B 359 1.44 -33.53 -5.73
C ARG B 359 0.33 -32.50 -6.01
N PRO B 360 0.63 -31.48 -6.84
CA PRO B 360 -0.30 -30.37 -7.18
C PRO B 360 -1.52 -30.77 -8.05
N ASP B 361 -2.70 -30.28 -7.65
CA ASP B 361 -3.95 -30.43 -8.40
C ASP B 361 -4.02 -29.47 -9.60
N ALA B 362 -5.04 -29.65 -10.45
CA ALA B 362 -5.43 -28.61 -11.42
C ALA B 362 -5.88 -27.31 -10.73
N THR B 363 -6.16 -27.39 -9.41
CA THR B 363 -6.65 -26.25 -8.62
C THR B 363 -5.54 -25.47 -7.88
N ALA B 364 -4.32 -26.02 -7.82
CA ALA B 364 -3.20 -25.30 -7.24
C ALA B 364 -3.01 -23.97 -7.96
N ALA B 365 -2.95 -22.89 -7.20
CA ALA B 365 -2.59 -21.57 -7.74
C ALA B 365 -1.38 -21.65 -8.71
N ARG B 366 -1.51 -21.03 -9.88
CA ARG B 366 -0.43 -20.92 -10.89
C ARG B 366 -0.37 -19.51 -11.52
N ALA B 367 0.67 -18.73 -11.23
CA ALA B 367 0.85 -17.46 -11.94
C ALA B 367 0.94 -17.70 -13.45
N PHE B 368 0.17 -16.93 -14.23
CA PHE B 368 0.13 -17.02 -15.70
C PHE B 368 -0.28 -18.42 -16.17
N GLY B 369 -0.99 -19.14 -15.30
CA GLY B 369 -1.55 -20.47 -15.64
C GLY B 369 -0.56 -21.62 -15.51
N VAL B 370 0.68 -21.30 -15.19
CA VAL B 370 1.74 -22.31 -15.22
C VAL B 370 2.67 -22.39 -13.99
N HIS B 371 2.90 -21.28 -13.27
CA HIS B 371 3.94 -21.30 -12.25
C HIS B 371 3.47 -21.60 -10.86
N LEU B 372 3.81 -22.79 -10.40
CA LEU B 372 3.31 -23.27 -9.11
C LEU B 372 3.98 -22.62 -7.91
N GLU B 373 5.30 -22.44 -7.96
CA GLU B 373 5.94 -21.78 -6.85
C GLU B 373 5.49 -20.32 -6.76
N ALA B 374 5.47 -19.63 -7.89
CA ALA B 374 5.00 -18.23 -7.83
C ALA B 374 3.51 -18.21 -7.40
N GLY B 375 2.74 -19.18 -7.88
CA GLY B 375 1.35 -19.29 -7.43
C GLY B 375 1.24 -19.42 -5.92
N ALA B 376 2.08 -20.27 -5.33
CA ALA B 376 1.97 -20.52 -3.90
C ALA B 376 2.50 -19.29 -3.12
N LEU B 377 3.56 -18.69 -3.64
CA LEU B 377 4.01 -17.46 -3.05
C LEU B 377 2.96 -16.34 -3.10
N ASN B 378 2.27 -16.16 -4.23
CA ASN B 378 1.20 -15.13 -4.28
C ASN B 378 0.14 -15.27 -3.17
N GLU B 379 -0.29 -16.51 -2.90
CA GLU B 379 -1.22 -16.77 -1.79
C GLU B 379 -0.67 -16.30 -0.43
N VAL B 380 0.58 -16.62 -0.12
CA VAL B 380 1.20 -16.14 1.12
C VAL B 380 1.27 -14.63 1.11
N LEU B 381 1.69 -14.02 -0.01
CA LEU B 381 1.79 -12.57 -0.03
C LEU B 381 0.42 -11.89 0.16
N ALA B 382 -0.62 -12.42 -0.49
CA ALA B 382 -1.94 -11.77 -0.37
C ALA B 382 -2.44 -11.96 1.08
N ALA B 383 -2.13 -13.11 1.70
CA ALA B 383 -2.56 -13.40 3.07
C ALA B 383 -1.84 -12.46 4.04
N GLY B 384 -0.58 -12.13 3.75
CA GLY B 384 0.18 -11.19 4.59
C GLY B 384 -0.51 -9.84 4.68
N ALA B 385 -1.01 -9.35 3.56
CA ALA B 385 -1.77 -8.13 3.59
C ALA B 385 -3.02 -8.30 4.45
N ASP B 386 -3.80 -9.34 4.17
CA ASP B 386 -5.04 -9.54 4.85
C ASP B 386 -4.86 -9.72 6.34
N VAL B 387 -3.85 -10.46 6.78
CA VAL B 387 -3.73 -10.64 8.26
C VAL B 387 -3.35 -9.36 8.97
N LEU B 388 -2.61 -8.48 8.31
CA LEU B 388 -2.29 -7.18 8.89
C LEU B 388 -3.51 -6.22 8.91
N THR B 389 -4.29 -6.18 7.82
CA THR B 389 -5.55 -5.40 7.86
C THR B 389 -6.37 -5.83 9.10
N ARG B 390 -6.51 -7.14 9.27
CA ARG B 390 -7.38 -7.70 10.31
C ARG B 390 -6.78 -7.44 11.72
N ALA B 391 -5.46 -7.52 11.85
CA ALA B 391 -4.82 -7.34 13.15
C ALA B 391 -4.98 -5.86 13.60
N VAL B 392 -4.96 -4.94 12.64
CA VAL B 392 -5.28 -3.52 12.90
C VAL B 392 -6.69 -3.32 13.50
N VAL B 393 -7.68 -3.94 12.90
CA VAL B 393 -9.03 -3.89 13.42
C VAL B 393 -9.06 -4.44 14.84
N HIS B 394 -8.45 -5.60 15.05
CA HIS B 394 -8.39 -6.19 16.42
C HIS B 394 -7.73 -5.23 17.42
N ALA B 395 -6.67 -4.56 16.99
CA ALA B 395 -5.99 -3.58 17.86
C ALA B 395 -7.00 -2.51 18.26
N VAL B 396 -7.79 -2.07 17.31
CA VAL B 396 -8.67 -0.96 17.57
C VAL B 396 -9.81 -1.42 18.48
N LEU B 397 -10.33 -2.62 18.24
CA LEU B 397 -11.42 -3.20 19.04
C LEU B 397 -10.96 -3.72 20.42
N ALA B 398 -9.71 -4.16 20.55
CA ALA B 398 -9.20 -4.65 21.82
C ALA B 398 -8.88 -3.55 22.82
N ALA B 399 -8.56 -2.36 22.33
CA ALA B 399 -8.23 -1.21 23.18
C ALA B 399 -9.30 -0.80 24.18
N THR B 400 -8.85 -0.28 25.32
CA THR B 400 -9.72 0.48 26.23
C THR B 400 -9.15 1.90 26.39
N GLY B 401 -10.00 2.90 26.63
CA GLY B 401 -9.54 4.28 26.69
C GLY B 401 -8.64 4.60 27.87
N VAL B 402 -7.88 5.68 27.75
CA VAL B 402 -7.05 6.16 28.84
C VAL B 402 -7.35 7.63 29.14
N ASP B 403 -7.00 8.05 30.35
CA ASP B 403 -7.10 9.44 30.74
C ASP B 403 -6.00 9.71 31.74
N THR B 404 -4.95 10.37 31.27
CA THR B 404 -3.76 10.64 32.06
C THR B 404 -3.45 12.14 31.90
N PRO B 405 -2.47 12.65 32.68
CA PRO B 405 -2.04 14.03 32.51
C PRO B 405 -1.44 14.31 31.13
N GLY B 406 -1.12 13.27 30.36
CA GLY B 406 -0.54 13.44 29.03
C GLY B 406 -1.48 13.18 27.83
N GLY B 407 -2.75 12.89 28.12
CA GLY B 407 -3.72 12.68 27.04
C GLY B 407 -5.01 11.96 27.42
N VAL B 408 -6.07 12.28 26.69
CA VAL B 408 -7.37 11.61 26.83
C VAL B 408 -7.66 10.91 25.50
N HIS B 409 -7.77 9.59 25.51
CA HIS B 409 -7.99 8.83 24.28
C HIS B 409 -9.04 7.78 24.52
N PRO B 410 -10.29 8.07 24.13
CA PRO B 410 -11.35 7.09 24.25
C PRO B 410 -11.09 5.99 23.23
N SER B 411 -11.61 4.79 23.51
CA SER B 411 -11.47 3.66 22.61
C SER B 411 -12.62 3.66 21.64
N TYR B 412 -12.47 2.90 20.56
CA TYR B 412 -13.52 2.78 19.56
C TYR B 412 -14.80 2.27 20.23
N ARG B 413 -14.70 1.21 21.02
CA ARG B 413 -15.91 0.64 21.61
C ARG B 413 -16.63 1.62 22.55
N GLU B 414 -15.86 2.38 23.32
CA GLU B 414 -16.48 3.37 24.19
C GLU B 414 -17.33 4.34 23.41
N LEU B 415 -16.92 4.64 22.19
CA LEU B 415 -17.66 5.59 21.37
C LEU B 415 -18.79 4.93 20.57
N TYR B 416 -18.58 3.69 20.11
CA TYR B 416 -19.49 3.05 19.15
C TYR B 416 -20.15 1.75 19.65
N ALA B 417 -19.69 1.23 20.77
CA ALA B 417 -20.29 0.05 21.37
C ALA B 417 -21.10 0.45 22.59
#